data_3WNV
#
_entry.id   3WNV
#
_cell.length_a   45.374
_cell.length_b   62.763
_cell.length_c   148.610
_cell.angle_alpha   90.00
_cell.angle_beta   94.28
_cell.angle_gamma   90.00
#
_symmetry.space_group_name_H-M   'P 1 21 1'
#
loop_
_entity.id
_entity.type
_entity.pdbx_description
1 polymer 'glyoxylate reductase'
2 non-polymer 'SULFATE ION'
3 water water
#
_entity_poly.entity_id   1
_entity_poly.type   'polypeptide(L)'
_entity_poly.pdbx_seq_one_letter_code
;MPSQAALLIGDIVHARAEWEALSSLVTLKEFPEGGREKFLENCKSGQYDDVIAIYRSNISTKHTGPFDRELISALPKSVK
YICHNGAGYDNIDVDAATEAGIAISSTPIAVNNATADVAIFLMIGALRQAYVPITAIRAGEWHGKTTLGHDPNGKTLGIL
GMGGIGREVARRARAFGMNIIYHNRNKLPPELEDGAKYVSFDELLAQSDVFSLNLALNASTRHIIGEKELAKMKDGVVIV
NTARGALIDEKALVRALESGKVASVGLDVYENEPQVEPGLLNNPRAMLLPHIGTMTYETQKEMELLVLNNLRSAIEKGEL
LTQVPEQKKR
;
_entity_poly.pdbx_strand_id   A,B
#
loop_
_chem_comp.id
_chem_comp.type
_chem_comp.name
_chem_comp.formula
SO4 non-polymer 'SULFATE ION' 'O4 S -2'
#
# COMPACT_ATOMS: atom_id res chain seq x y z
N MET A 1 -28.99 40.59 -13.94
CA MET A 1 -29.89 41.58 -13.32
C MET A 1 -29.75 41.38 -11.81
N PRO A 2 -30.54 42.04 -11.01
CA PRO A 2 -30.43 41.79 -9.58
C PRO A 2 -30.85 40.35 -9.23
N SER A 3 -30.65 40.01 -7.98
CA SER A 3 -31.28 38.88 -7.38
C SER A 3 -30.69 37.52 -7.74
N GLN A 4 -29.46 37.47 -8.14
CA GLN A 4 -28.82 36.19 -8.40
C GLN A 4 -28.66 35.34 -7.15
N ALA A 5 -28.86 34.06 -7.31
CA ALA A 5 -28.73 33.11 -6.20
C ALA A 5 -27.83 31.93 -6.57
N ALA A 6 -27.21 31.32 -5.56
CA ALA A 6 -26.54 30.04 -5.75
C ALA A 6 -27.23 28.96 -4.90
N LEU A 7 -27.33 27.74 -5.43
CA LEU A 7 -28.04 26.69 -4.71
C LEU A 7 -27.10 25.54 -4.40
N LEU A 8 -27.04 25.14 -3.14
CA LEU A 8 -26.16 24.04 -2.72
C LEU A 8 -27.00 22.77 -2.62
N ILE A 9 -26.64 21.72 -3.37
CA ILE A 9 -27.33 20.43 -3.26
C ILE A 9 -26.48 19.55 -2.35
N GLY A 10 -27.06 19.04 -1.28
CA GLY A 10 -26.28 18.15 -0.42
C GLY A 10 -25.47 18.94 0.57
N ASP A 11 -24.32 18.39 0.97
CA ASP A 11 -23.56 18.93 2.10
C ASP A 11 -22.22 19.50 1.61
N ILE A 12 -21.72 20.49 2.36
CA ILE A 12 -20.33 20.91 2.27
C ILE A 12 -19.73 20.65 3.67
N VAL A 13 -18.68 19.85 3.69
CA VAL A 13 -18.14 19.30 4.93
C VAL A 13 -17.01 20.14 5.44
N HIS A 14 -16.11 20.54 4.56
CA HIS A 14 -14.84 21.13 5.01
C HIS A 14 -14.73 22.62 4.72
N ALA A 15 -15.54 23.12 3.81
CA ALA A 15 -15.32 24.46 3.28
C ALA A 15 -16.54 25.35 3.46
N ARG A 16 -17.25 25.14 4.58
CA ARG A 16 -18.46 25.91 4.86
C ARG A 16 -18.14 27.41 4.87
N ALA A 17 -17.00 27.81 5.40
CA ALA A 17 -16.63 29.24 5.46
C ALA A 17 -16.56 29.87 4.08
N GLU A 18 -16.01 29.12 3.13
CA GLU A 18 -15.84 29.60 1.75
C GLU A 18 -17.19 29.68 1.06
N TRP A 19 -18.10 28.76 1.36
CA TRP A 19 -19.47 28.84 0.84
C TRP A 19 -20.15 30.09 1.41
N GLU A 20 -20.14 30.25 2.74
CA GLU A 20 -20.82 31.40 3.34
C GLU A 20 -20.27 32.71 2.82
N ALA A 21 -18.98 32.74 2.52
CA ALA A 21 -18.36 33.95 1.99
C ALA A 21 -18.99 34.44 0.67
N LEU A 22 -19.56 33.53 -0.12
CA LEU A 22 -20.21 33.92 -1.39
C LEU A 22 -21.45 34.75 -1.20
N SER A 23 -21.91 34.90 0.03
CA SER A 23 -23.12 35.69 0.29
C SER A 23 -22.93 37.16 -0.01
N SER A 24 -21.68 37.61 -0.12
CA SER A 24 -21.43 38.98 -0.54
C SER A 24 -21.78 39.19 -2.01
N LEU A 25 -21.83 38.10 -2.77
CA LEU A 25 -22.13 38.15 -4.20
C LEU A 25 -23.55 37.72 -4.53
N VAL A 26 -24.08 36.69 -3.85
CA VAL A 26 -25.37 36.13 -4.25
C VAL A 26 -26.15 35.68 -3.02
N THR A 27 -27.44 35.44 -3.21
CA THR A 27 -28.30 34.83 -2.19
C THR A 27 -27.97 33.35 -2.10
N LEU A 28 -27.60 32.86 -0.91
CA LEU A 28 -27.26 31.44 -0.80
C LEU A 28 -28.51 30.65 -0.43
N LYS A 29 -28.78 29.59 -1.19
CA LYS A 29 -29.94 28.71 -0.97
C LYS A 29 -29.43 27.29 -0.82
N GLU A 30 -30.14 26.46 -0.06
CA GLU A 30 -29.67 25.10 0.10
C GLU A 30 -30.77 24.04 -0.03
N PHE A 31 -30.42 22.92 -0.68
CA PHE A 31 -31.29 21.72 -0.67
C PHE A 31 -30.50 20.59 -0.05
N PRO A 32 -30.51 20.50 1.29
CA PRO A 32 -29.62 19.55 1.97
C PRO A 32 -30.07 18.09 1.84
N GLU A 33 -31.38 17.90 1.70
CA GLU A 33 -31.96 16.57 1.52
C GLU A 33 -33.41 16.73 1.07
N GLY A 34 -34.03 15.64 0.62
CA GLY A 34 -35.46 15.64 0.43
C GLY A 34 -35.99 14.68 -0.63
N GLY A 35 -35.11 14.20 -1.51
CA GLY A 35 -35.53 13.32 -2.59
C GLY A 35 -35.86 14.03 -3.90
N ARG A 36 -35.68 13.31 -5.01
CA ARG A 36 -35.89 13.81 -6.37
C ARG A 36 -37.24 14.44 -6.56
N GLU A 37 -38.29 13.79 -6.05
CA GLU A 37 -39.66 14.26 -6.23
C GLU A 37 -39.82 15.68 -5.68
N LYS A 38 -39.30 15.87 -4.48
CA LYS A 38 -39.36 17.16 -3.81
C LYS A 38 -38.43 18.19 -4.46
N PHE A 39 -37.26 17.75 -4.94
CA PHE A 39 -36.39 18.67 -5.67
C PHE A 39 -37.11 19.16 -6.92
N LEU A 40 -37.72 18.24 -7.68
CA LEU A 40 -38.44 18.65 -8.89
C LEU A 40 -39.62 19.55 -8.58
N GLU A 41 -40.31 19.30 -7.47
CA GLU A 41 -41.40 20.18 -7.04
C GLU A 41 -40.92 21.59 -6.73
N ASN A 42 -39.75 21.70 -6.07
CA ASN A 42 -39.18 23.01 -5.78
C ASN A 42 -38.89 23.75 -7.06
N CYS A 43 -38.25 23.06 -8.01
CA CYS A 43 -37.95 23.67 -9.32
C CYS A 43 -39.21 24.21 -10.00
N LYS A 44 -40.28 23.42 -9.99
CA LYS A 44 -41.50 23.79 -10.71
C LYS A 44 -42.19 24.91 -9.94
N SER A 45 -41.87 25.05 -8.64
CA SER A 45 -42.57 26.03 -7.78
C SER A 45 -42.11 27.46 -7.97
N GLY A 46 -40.96 27.64 -8.63
CA GLY A 46 -40.44 28.99 -8.88
C GLY A 46 -39.44 29.47 -7.82
N GLN A 47 -39.23 28.68 -6.79
CA GLN A 47 -38.40 29.15 -5.68
C GLN A 47 -36.93 29.22 -6.04
N TYR A 48 -36.51 28.48 -7.06
CA TYR A 48 -35.14 28.55 -7.53
C TYR A 48 -35.03 29.44 -8.80
N ASP A 49 -36.03 30.27 -9.06
CA ASP A 49 -36.08 31.01 -10.33
C ASP A 49 -34.99 32.08 -10.51
N ASP A 50 -34.29 32.42 -9.44
CA ASP A 50 -33.15 33.33 -9.53
C ASP A 50 -31.80 32.63 -9.41
N VAL A 51 -31.81 31.32 -9.39
CA VAL A 51 -30.55 30.58 -9.17
C VAL A 51 -29.71 30.56 -10.43
N ILE A 52 -28.51 31.15 -10.39
CA ILE A 52 -27.62 31.19 -11.57
C ILE A 52 -26.62 30.05 -11.54
N ALA A 53 -26.32 29.54 -10.35
CA ALA A 53 -25.31 28.49 -10.23
C ALA A 53 -25.65 27.49 -9.15
N ILE A 54 -25.23 26.25 -9.34
CA ILE A 54 -25.59 25.18 -8.43
C ILE A 54 -24.31 24.46 -8.05
N TYR A 55 -24.12 24.23 -6.75
CA TYR A 55 -23.04 23.37 -6.28
C TYR A 55 -23.65 22.01 -6.06
N ARG A 56 -23.03 20.95 -6.60
CA ARG A 56 -23.50 19.61 -6.26
C ARG A 56 -22.31 18.70 -6.16
N SER A 57 -22.55 17.47 -5.71
CA SER A 57 -21.46 16.49 -5.61
C SER A 57 -21.88 15.08 -6.03
N ASN A 58 -20.91 14.18 -6.18
CA ASN A 58 -21.27 12.78 -6.44
C ASN A 58 -22.11 12.22 -5.30
N ILE A 59 -21.73 12.51 -4.06
CA ILE A 59 -22.53 12.00 -2.94
C ILE A 59 -23.97 12.52 -2.94
N SER A 60 -24.18 13.78 -3.35
CA SER A 60 -25.49 14.44 -3.30
C SER A 60 -26.52 13.84 -4.26
N THR A 61 -26.07 12.95 -5.14
CA THR A 61 -26.94 12.24 -6.07
C THR A 61 -28.04 11.51 -5.28
N LYS A 62 -27.73 11.10 -4.06
CA LYS A 62 -28.74 10.39 -3.26
C LYS A 62 -29.90 11.32 -2.90
N HIS A 63 -29.70 12.64 -3.00
CA HIS A 63 -30.80 13.52 -2.63
C HIS A 63 -31.65 13.94 -3.82
N THR A 64 -31.12 13.80 -5.03
CA THR A 64 -31.87 14.31 -6.17
C THR A 64 -32.00 13.29 -7.30
N GLY A 65 -31.24 12.19 -7.22
CA GLY A 65 -31.05 11.36 -8.39
C GLY A 65 -30.09 12.08 -9.33
N PRO A 66 -29.76 11.46 -10.46
CA PRO A 66 -28.78 12.08 -11.35
C PRO A 66 -29.33 13.36 -11.98
N PHE A 67 -28.38 14.21 -12.36
CA PHE A 67 -28.68 15.37 -13.16
C PHE A 67 -28.70 14.90 -14.61
N ASP A 68 -29.63 14.01 -14.89
CA ASP A 68 -29.88 13.52 -16.26
C ASP A 68 -30.73 14.47 -17.09
N ARG A 69 -31.07 14.05 -18.31
CA ARG A 69 -31.82 14.94 -19.20
C ARG A 69 -33.12 15.40 -18.56
N GLU A 70 -33.81 14.52 -17.86
CA GLU A 70 -35.09 14.86 -17.26
C GLU A 70 -34.98 15.94 -16.20
N LEU A 71 -33.98 15.81 -15.33
CA LEU A 71 -33.82 16.78 -14.25
C LEU A 71 -33.34 18.09 -14.85
N ILE A 72 -32.39 18.04 -15.78
CA ILE A 72 -31.91 19.28 -16.43
C ILE A 72 -33.06 20.03 -17.08
N SER A 73 -34.02 19.29 -17.65
CA SER A 73 -35.16 19.87 -18.32
C SER A 73 -36.06 20.64 -17.35
N ALA A 74 -36.12 20.17 -16.09
CA ALA A 74 -36.87 20.85 -15.02
C ALA A 74 -36.14 22.05 -14.39
N LEU A 75 -34.83 22.15 -14.52
CA LEU A 75 -34.12 23.30 -13.90
C LEU A 75 -34.66 24.62 -14.43
N PRO A 76 -34.68 25.67 -13.58
CA PRO A 76 -35.15 26.97 -14.06
C PRO A 76 -34.20 27.53 -15.11
N LYS A 77 -34.77 28.32 -16.00
CA LYS A 77 -34.03 28.92 -17.10
C LYS A 77 -32.86 29.79 -16.62
N SER A 78 -32.94 30.29 -15.38
CA SER A 78 -31.86 31.09 -14.82
C SER A 78 -30.51 30.35 -14.69
N VAL A 79 -30.55 29.04 -14.53
CA VAL A 79 -29.31 28.29 -14.22
C VAL A 79 -28.31 28.34 -15.36
N LYS A 80 -27.11 28.82 -15.07
CA LYS A 80 -26.07 28.95 -16.09
C LYS A 80 -24.86 28.09 -15.82
N TYR A 81 -24.72 27.60 -14.59
CA TYR A 81 -23.54 26.88 -14.14
C TYR A 81 -23.94 25.75 -13.20
N ILE A 82 -23.27 24.61 -13.33
CA ILE A 82 -23.35 23.57 -12.32
C ILE A 82 -21.94 23.23 -12.01
N CYS A 83 -21.57 23.43 -10.75
CA CYS A 83 -20.21 23.18 -10.30
C CYS A 83 -20.22 21.93 -9.47
N HIS A 84 -19.61 20.88 -10.00
CA HIS A 84 -19.70 19.53 -9.49
C HIS A 84 -18.44 19.11 -8.73
N ASN A 85 -18.65 18.52 -7.56
CA ASN A 85 -17.57 18.00 -6.74
C ASN A 85 -17.34 16.56 -7.13
N GLY A 86 -16.25 16.33 -7.83
CA GLY A 86 -15.91 14.97 -8.28
C GLY A 86 -15.11 15.01 -9.56
N ALA A 87 -14.18 14.06 -9.76
CA ALA A 87 -13.45 14.07 -11.02
C ALA A 87 -14.29 13.32 -12.05
N GLY A 88 -15.13 12.42 -11.58
CA GLY A 88 -16.07 11.74 -12.46
C GLY A 88 -17.41 12.43 -12.35
N TYR A 89 -18.14 12.51 -13.46
CA TYR A 89 -19.47 13.18 -13.46
C TYR A 89 -20.44 12.43 -14.35
N ASP A 90 -20.42 11.10 -14.27
CA ASP A 90 -21.25 10.31 -15.16
C ASP A 90 -22.69 10.39 -14.68
N ASN A 91 -22.93 11.09 -13.55
CA ASN A 91 -24.32 11.37 -13.13
C ASN A 91 -24.87 12.75 -13.58
N ILE A 92 -24.11 13.41 -14.47
CA ILE A 92 -24.63 14.61 -15.14
C ILE A 92 -24.68 14.35 -16.64
N ASP A 93 -25.82 14.66 -17.27
CA ASP A 93 -25.91 14.56 -18.72
C ASP A 93 -25.36 15.84 -19.31
N VAL A 94 -24.08 15.83 -19.62
CA VAL A 94 -23.42 17.02 -20.13
C VAL A 94 -24.03 17.63 -21.42
N ASP A 95 -24.37 16.80 -22.42
CA ASP A 95 -25.02 17.35 -23.59
C ASP A 95 -26.38 18.01 -23.28
N ALA A 96 -27.18 17.39 -22.41
CA ALA A 96 -28.44 18.07 -22.03
C ALA A 96 -28.18 19.45 -21.41
N ALA A 97 -27.15 19.52 -20.58
CA ALA A 97 -26.76 20.80 -19.99
C ALA A 97 -26.35 21.84 -21.03
N THR A 98 -25.54 21.42 -22.00
CA THR A 98 -25.09 22.32 -23.08
C THR A 98 -26.32 22.88 -23.80
N GLU A 99 -27.27 22.00 -24.10
CA GLU A 99 -28.49 22.41 -24.79
C GLU A 99 -29.33 23.43 -23.99
N ALA A 100 -29.28 23.31 -22.67
CA ALA A 100 -29.99 24.21 -21.78
C ALA A 100 -29.16 25.46 -21.48
N GLY A 101 -28.00 25.60 -22.11
CA GLY A 101 -27.17 26.78 -21.84
C GLY A 101 -26.47 26.76 -20.48
N ILE A 102 -26.14 25.58 -19.99
CA ILE A 102 -25.49 25.42 -18.68
C ILE A 102 -24.05 24.91 -18.82
N ALA A 103 -23.10 25.59 -18.20
CA ALA A 103 -21.70 25.19 -18.20
C ALA A 103 -21.43 24.36 -16.97
N ILE A 104 -20.64 23.29 -17.11
CA ILE A 104 -20.37 22.38 -16.00
C ILE A 104 -18.88 22.36 -15.71
N SER A 105 -18.52 22.42 -14.43
CA SER A 105 -17.15 22.19 -14.01
C SER A 105 -17.07 20.94 -13.13
N SER A 106 -15.88 20.30 -13.07
CA SER A 106 -15.70 19.14 -12.20
C SER A 106 -14.45 19.42 -11.41
N THR A 107 -13.90 18.40 -10.75
CA THR A 107 -12.67 18.57 -9.96
C THR A 107 -11.58 17.58 -10.40
N PRO A 108 -10.85 17.96 -11.47
CA PRO A 108 -9.70 17.23 -12.05
C PRO A 108 -8.32 17.70 -11.58
N ILE A 109 -7.45 16.80 -11.14
CA ILE A 109 -6.20 17.20 -10.50
C ILE A 109 -6.20 17.52 -9.01
N ALA A 110 -7.30 17.37 -8.31
CA ALA A 110 -7.40 17.33 -6.89
C ALA A 110 -7.49 15.88 -6.42
N VAL A 111 -8.09 15.02 -7.22
CA VAL A 111 -8.27 13.62 -6.81
C VAL A 111 -7.04 12.76 -7.04
N ASN A 112 -6.04 13.27 -7.76
CA ASN A 112 -5.01 12.38 -8.32
C ASN A 112 -4.15 11.66 -7.27
N ASN A 113 -3.64 12.39 -6.30
CA ASN A 113 -2.75 11.77 -5.33
C ASN A 113 -3.48 10.73 -4.50
N ALA A 114 -4.62 11.11 -3.92
CA ALA A 114 -5.31 10.17 -3.02
C ALA A 114 -5.73 8.89 -3.71
N THR A 115 -6.31 9.03 -4.90
CA THR A 115 -6.78 7.87 -5.65
C THR A 115 -5.62 6.95 -5.99
N ALA A 116 -4.50 7.52 -6.45
CA ALA A 116 -3.32 6.72 -6.74
C ALA A 116 -2.76 6.04 -5.50
N ASP A 117 -2.78 6.71 -4.35
CA ASP A 117 -2.34 6.14 -3.08
C ASP A 117 -3.14 4.88 -2.81
N VAL A 118 -4.45 4.96 -3.03
CA VAL A 118 -5.31 3.79 -2.75
C VAL A 118 -5.10 2.71 -3.83
N ALA A 119 -4.85 3.10 -5.07
CA ALA A 119 -4.58 2.15 -6.15
C ALA A 119 -3.35 1.32 -5.81
N ILE A 120 -2.29 1.96 -5.31
CA ILE A 120 -1.06 1.20 -4.99
C ILE A 120 -1.29 0.34 -3.75
N PHE A 121 -1.97 0.90 -2.76
CA PHE A 121 -2.36 0.12 -1.58
C PHE A 121 -3.09 -1.14 -1.99
N LEU A 122 -4.12 -0.99 -2.81
CA LEU A 122 -4.84 -2.14 -3.35
C LEU A 122 -3.98 -3.12 -4.13
N MET A 123 -3.05 -2.62 -4.95
CA MET A 123 -2.19 -3.49 -5.76
C MET A 123 -1.30 -4.38 -4.86
N ILE A 124 -0.65 -3.78 -3.88
CA ILE A 124 0.19 -4.56 -2.99
C ILE A 124 -0.70 -5.56 -2.20
N GLY A 125 -1.88 -5.12 -1.76
CA GLY A 125 -2.83 -5.98 -1.04
C GLY A 125 -3.18 -7.21 -1.89
N ALA A 126 -3.40 -6.98 -3.18
CA ALA A 126 -3.85 -8.04 -4.09
C ALA A 126 -2.71 -9.01 -4.37
N LEU A 127 -1.51 -8.45 -4.55
CA LEU A 127 -0.33 -9.30 -4.80
C LEU A 127 0.08 -10.10 -3.58
N ARG A 128 -0.25 -9.65 -2.38
CA ARG A 128 0.01 -10.44 -1.16
C ARG A 128 -1.21 -11.23 -0.71
N GLN A 129 -2.34 -11.06 -1.42
CA GLN A 129 -3.67 -11.56 -0.95
C GLN A 129 -3.83 -11.26 0.54
N ALA A 130 -3.66 -9.98 0.86
CA ALA A 130 -3.42 -9.56 2.23
C ALA A 130 -4.60 -9.69 3.17
N TYR A 131 -5.81 -9.88 2.62
CA TYR A 131 -6.96 -10.07 3.50
C TYR A 131 -6.78 -11.32 4.36
N VAL A 132 -6.12 -12.34 3.84
CA VAL A 132 -5.85 -13.53 4.65
C VAL A 132 -4.97 -13.24 5.89
N PRO A 133 -3.76 -12.67 5.71
CA PRO A 133 -2.97 -12.38 6.92
C PRO A 133 -3.55 -11.26 7.82
N ILE A 134 -4.27 -10.29 7.25
CA ILE A 134 -4.91 -9.24 8.05
C ILE A 134 -5.91 -9.88 8.99
N THR A 135 -6.70 -10.81 8.46
CA THR A 135 -7.71 -11.52 9.27
C THR A 135 -7.09 -12.49 10.27
N ALA A 136 -6.11 -13.26 9.82
CA ALA A 136 -5.44 -14.25 10.65
C ALA A 136 -4.79 -13.67 11.91
N ILE A 137 -4.05 -12.58 11.78
CA ILE A 137 -3.36 -12.05 12.96
C ILE A 137 -4.35 -11.61 14.03
N ARG A 138 -5.48 -11.02 13.61
CA ARG A 138 -6.48 -10.52 14.52
C ARG A 138 -7.22 -11.68 15.21
N ALA A 139 -7.28 -12.82 14.54
CA ALA A 139 -7.94 -14.01 15.07
C ALA A 139 -7.02 -14.80 16.01
N GLY A 140 -5.80 -14.32 16.20
CA GLY A 140 -4.85 -15.02 17.06
C GLY A 140 -4.23 -16.23 16.37
N GLU A 141 -4.42 -16.30 15.06
CA GLU A 141 -3.96 -17.45 14.28
C GLU A 141 -2.54 -17.20 13.81
N TRP A 142 -2.03 -16.00 14.05
CA TRP A 142 -0.79 -15.60 13.46
C TRP A 142 -1.12 -15.78 11.99
N HIS A 143 -0.15 -16.25 11.23
CA HIS A 143 -0.26 -16.28 9.78
C HIS A 143 -1.59 -16.86 9.30
N GLY A 144 -2.07 -17.91 9.98
CA GLY A 144 -3.23 -18.64 9.47
C GLY A 144 -2.90 -19.33 8.15
N LYS A 145 -3.79 -19.20 7.17
CA LYS A 145 -3.56 -19.78 5.82
C LYS A 145 -2.88 -18.85 4.84
N THR A 146 -2.14 -17.85 5.34
CA THR A 146 -1.43 -16.92 4.46
C THR A 146 -0.57 -17.68 3.46
N THR A 147 -0.62 -17.28 2.20
CA THR A 147 0.20 -17.90 1.17
C THR A 147 1.23 -16.91 0.74
N LEU A 148 2.27 -17.40 0.06
CA LEU A 148 3.28 -16.50 -0.49
C LEU A 148 2.69 -15.60 -1.58
N GLY A 149 3.07 -14.33 -1.57
CA GLY A 149 2.64 -13.36 -2.58
C GLY A 149 3.71 -13.20 -3.65
N HIS A 150 3.53 -12.19 -4.48
CA HIS A 150 4.51 -11.87 -5.54
C HIS A 150 4.98 -10.42 -5.41
N ASP A 151 6.25 -10.19 -5.73
CA ASP A 151 6.79 -8.85 -5.71
C ASP A 151 6.40 -8.13 -6.97
N PRO A 152 6.12 -6.84 -6.87
CA PRO A 152 5.88 -6.07 -8.10
C PRO A 152 7.15 -5.78 -8.88
N ASN A 153 8.30 -5.87 -8.22
CA ASN A 153 9.58 -5.65 -8.91
C ASN A 153 9.71 -6.42 -10.25
N GLY A 154 10.10 -5.72 -11.31
CA GLY A 154 10.29 -6.32 -12.62
C GLY A 154 9.02 -6.64 -13.39
N LYS A 155 7.85 -6.39 -12.80
CA LYS A 155 6.60 -6.74 -13.45
C LYS A 155 6.02 -5.56 -14.22
N THR A 156 5.13 -5.86 -15.16
CA THR A 156 4.48 -4.81 -15.96
C THR A 156 3.13 -4.32 -15.40
N LEU A 157 3.07 -3.03 -15.08
CA LEU A 157 1.82 -2.34 -14.80
C LEU A 157 1.22 -1.82 -16.12
N GLY A 158 0.02 -2.30 -16.44
CA GLY A 158 -0.71 -1.79 -17.60
C GLY A 158 -1.84 -0.87 -17.16
N ILE A 159 -1.94 0.28 -17.81
CA ILE A 159 -2.92 1.30 -17.43
C ILE A 159 -3.82 1.58 -18.65
N LEU A 160 -5.09 1.25 -18.52
CA LEU A 160 -6.05 1.65 -19.56
C LEU A 160 -6.65 3.01 -19.19
N GLY A 161 -6.24 4.07 -19.88
CA GLY A 161 -6.69 5.41 -19.57
C GLY A 161 -5.64 6.06 -18.71
N MET A 162 -4.57 6.48 -19.37
CA MET A 162 -3.48 7.18 -18.75
C MET A 162 -3.84 8.66 -18.77
N GLY A 163 -4.10 9.20 -17.58
CA GLY A 163 -4.49 10.57 -17.41
C GLY A 163 -3.80 11.02 -16.15
N GLY A 164 -4.40 11.99 -15.45
CA GLY A 164 -3.78 12.54 -14.27
C GLY A 164 -3.61 11.47 -13.20
N ILE A 165 -4.66 10.67 -12.98
CA ILE A 165 -4.57 9.62 -11.98
C ILE A 165 -3.56 8.55 -12.39
N GLY A 166 -3.62 8.12 -13.64
CA GLY A 166 -2.70 7.10 -14.13
C GLY A 166 -1.25 7.50 -14.03
N ARG A 167 -0.96 8.78 -14.28
CA ARG A 167 0.41 9.25 -14.18
C ARG A 167 0.94 9.16 -12.76
N GLU A 168 0.08 9.48 -11.79
CA GLU A 168 0.46 9.39 -10.38
C GLU A 168 0.56 7.92 -9.96
N VAL A 169 -0.31 7.06 -10.46
CA VAL A 169 -0.12 5.60 -10.22
C VAL A 169 1.21 5.13 -10.79
N ALA A 170 1.51 5.55 -12.02
CA ALA A 170 2.75 5.13 -12.69
C ALA A 170 3.99 5.59 -11.93
N ARG A 171 3.97 6.83 -11.44
CA ARG A 171 5.07 7.39 -10.67
C ARG A 171 5.33 6.52 -9.43
N ARG A 172 4.27 6.15 -8.74
CA ARG A 172 4.45 5.28 -7.57
C ARG A 172 4.94 3.91 -7.98
N ALA A 173 4.25 3.32 -8.95
CA ALA A 173 4.59 1.95 -9.38
C ALA A 173 6.03 1.81 -9.87
N ARG A 174 6.57 2.82 -10.55
CA ARG A 174 7.96 2.76 -10.94
C ARG A 174 8.92 2.67 -9.75
N ALA A 175 8.58 3.34 -8.66
CA ALA A 175 9.41 3.30 -7.46
C ALA A 175 9.36 1.91 -6.83
N PHE A 176 8.33 1.13 -7.17
CA PHE A 176 8.23 -0.28 -6.75
C PHE A 176 8.93 -1.21 -7.74
N GLY A 177 9.61 -0.63 -8.74
CA GLY A 177 10.37 -1.41 -9.70
C GLY A 177 9.56 -1.95 -10.89
N MET A 178 8.36 -1.44 -11.10
CA MET A 178 7.50 -1.86 -12.23
C MET A 178 7.84 -1.14 -13.55
N ASN A 179 7.59 -1.84 -14.67
CA ASN A 179 7.64 -1.26 -16.01
C ASN A 179 6.22 -0.84 -16.34
N ILE A 180 6.09 0.26 -17.06
CA ILE A 180 4.74 0.82 -17.25
C ILE A 180 4.34 0.81 -18.71
N ILE A 181 3.19 0.24 -19.01
CA ILE A 181 2.61 0.34 -20.35
C ILE A 181 1.19 0.91 -20.26
N TYR A 182 0.69 1.46 -21.36
CA TYR A 182 -0.64 2.04 -21.32
C TYR A 182 -1.31 2.06 -22.68
N HIS A 183 -2.62 2.16 -22.65
CA HIS A 183 -3.39 2.37 -23.87
C HIS A 183 -4.45 3.44 -23.65
N ASN A 184 -4.41 4.45 -24.50
CA ASN A 184 -5.49 5.43 -24.61
C ASN A 184 -5.90 5.34 -26.06
N ARG A 185 -7.07 5.86 -26.42
CA ARG A 185 -7.45 5.89 -27.82
C ARG A 185 -6.38 6.60 -28.67
N ASN A 186 -5.78 7.66 -28.12
CA ASN A 186 -4.65 8.32 -28.80
C ASN A 186 -3.41 8.35 -27.92
N LYS A 187 -2.26 8.11 -28.54
CA LYS A 187 -1.00 8.20 -27.81
C LYS A 187 -0.86 9.62 -27.23
N LEU A 188 -0.41 9.71 -25.99
CA LEU A 188 -0.19 11.00 -25.33
C LEU A 188 1.13 11.57 -25.82
N PRO A 189 1.25 12.91 -25.82
CA PRO A 189 2.54 13.52 -26.16
C PRO A 189 3.54 13.18 -25.03
N PRO A 190 4.85 13.25 -25.29
CA PRO A 190 5.85 12.60 -24.42
C PRO A 190 5.83 13.05 -22.95
N GLU A 191 5.61 14.35 -22.68
CA GLU A 191 5.56 14.79 -21.27
C GLU A 191 4.36 14.20 -20.52
N LEU A 192 3.26 13.95 -21.23
CA LEU A 192 2.06 13.42 -20.57
C LEU A 192 2.15 11.90 -20.42
N GLU A 193 3.00 11.27 -21.24
CA GLU A 193 3.29 9.83 -21.10
C GLU A 193 4.17 9.66 -19.89
N ASP A 194 4.97 10.67 -19.65
CA ASP A 194 5.81 10.75 -18.46
C ASP A 194 6.63 9.47 -18.26
N GLY A 195 7.11 8.89 -19.36
CA GLY A 195 7.91 7.66 -19.27
C GLY A 195 7.26 6.35 -19.72
N ALA A 196 5.95 6.27 -19.66
CA ALA A 196 5.22 5.02 -20.01
C ALA A 196 5.20 4.74 -21.50
N LYS A 197 5.22 3.46 -21.85
CA LYS A 197 5.21 2.94 -23.23
C LYS A 197 3.79 2.69 -23.80
N TYR A 198 3.50 3.32 -24.93
CA TYR A 198 2.17 3.18 -25.54
C TYR A 198 2.02 1.83 -26.22
N VAL A 199 0.88 1.17 -26.01
CA VAL A 199 0.58 -0.12 -26.64
C VAL A 199 -0.89 -0.17 -27.08
N SER A 200 -1.22 -1.12 -27.94
CA SER A 200 -2.59 -1.24 -28.43
C SER A 200 -3.42 -1.85 -27.31
N PHE A 201 -4.74 -1.79 -27.44
CA PHE A 201 -5.63 -2.38 -26.44
C PHE A 201 -5.31 -3.88 -26.26
N ASP A 202 -5.26 -4.63 -27.36
CA ASP A 202 -4.97 -6.06 -27.27
C ASP A 202 -3.59 -6.33 -26.64
N GLU A 203 -2.61 -5.48 -26.92
CA GLU A 203 -1.28 -5.66 -26.35
C GLU A 203 -1.27 -5.35 -24.86
N LEU A 204 -2.13 -4.43 -24.44
CA LEU A 204 -2.23 -4.05 -23.03
C LEU A 204 -2.78 -5.25 -22.25
N LEU A 205 -3.75 -5.94 -22.84
CA LEU A 205 -4.36 -7.08 -22.19
C LEU A 205 -3.34 -8.20 -22.11
N ALA A 206 -2.57 -8.39 -23.18
CA ALA A 206 -1.61 -9.50 -23.26
C ALA A 206 -0.43 -9.33 -22.34
N GLN A 207 0.06 -8.11 -22.17
CA GLN A 207 1.34 -7.89 -21.51
C GLN A 207 1.31 -7.45 -20.06
N SER A 208 0.17 -7.00 -19.55
CA SER A 208 0.08 -6.54 -18.17
C SER A 208 0.16 -7.67 -17.13
N ASP A 209 1.09 -7.56 -16.17
CA ASP A 209 1.00 -8.41 -14.98
C ASP A 209 -0.05 -7.92 -13.99
N VAL A 210 -0.12 -6.60 -13.87
CA VAL A 210 -1.14 -5.92 -13.08
C VAL A 210 -1.86 -5.01 -14.09
N PHE A 211 -3.17 -5.16 -14.16
CA PHE A 211 -3.94 -4.39 -15.15
C PHE A 211 -4.83 -3.40 -14.44
N SER A 212 -4.69 -2.11 -14.73
CA SER A 212 -5.49 -1.09 -14.00
C SER A 212 -6.20 -0.15 -14.98
N LEU A 213 -7.31 0.45 -14.54
CA LEU A 213 -8.05 1.27 -15.49
C LEU A 213 -8.49 2.60 -14.90
N ASN A 214 -8.40 3.65 -15.72
CA ASN A 214 -8.93 4.97 -15.35
C ASN A 214 -9.72 5.58 -16.50
N LEU A 215 -10.92 5.09 -16.71
CA LEU A 215 -11.79 5.63 -17.76
C LEU A 215 -13.00 6.25 -17.12
N ALA A 216 -13.52 7.26 -17.79
CA ALA A 216 -14.82 7.81 -17.49
C ALA A 216 -15.83 6.73 -17.86
N LEU A 217 -16.87 6.62 -17.06
CA LEU A 217 -17.93 5.68 -17.36
C LEU A 217 -18.93 6.29 -18.32
N ASN A 218 -19.20 5.57 -19.40
CA ASN A 218 -20.29 5.92 -20.33
C ASN A 218 -20.89 4.67 -20.97
N ALA A 219 -21.83 4.85 -21.90
CA ALA A 219 -22.56 3.73 -22.43
C ALA A 219 -21.65 2.76 -23.19
N SER A 220 -20.56 3.29 -23.73
CA SER A 220 -19.58 2.45 -24.44
C SER A 220 -18.43 1.88 -23.57
N THR A 221 -18.06 2.54 -22.47
CA THR A 221 -17.03 1.98 -21.60
C THR A 221 -17.63 1.08 -20.53
N ARG A 222 -18.96 1.07 -20.38
CA ARG A 222 -19.60 0.08 -19.49
C ARG A 222 -19.19 -1.32 -19.97
N HIS A 223 -18.68 -2.15 -19.06
CA HIS A 223 -18.19 -3.49 -19.41
C HIS A 223 -17.12 -3.53 -20.50
N ILE A 224 -16.35 -2.46 -20.64
CA ILE A 224 -15.21 -2.52 -21.56
C ILE A 224 -14.27 -3.71 -21.25
N ILE A 225 -14.17 -4.12 -19.97
CA ILE A 225 -13.52 -5.39 -19.63
C ILE A 225 -14.61 -6.43 -19.35
N GLY A 226 -14.91 -7.28 -20.32
CA GLY A 226 -15.84 -8.36 -20.10
C GLY A 226 -15.16 -9.69 -20.37
N GLU A 227 -15.94 -10.73 -20.62
CA GLU A 227 -15.41 -12.09 -20.74
C GLU A 227 -14.30 -12.18 -21.75
N LYS A 228 -14.54 -11.57 -22.91
CA LYS A 228 -13.61 -11.61 -24.03
C LYS A 228 -12.25 -11.02 -23.62
N GLU A 229 -12.29 -9.88 -22.93
CA GLU A 229 -11.07 -9.20 -22.53
C GLU A 229 -10.32 -9.92 -21.43
N LEU A 230 -11.04 -10.50 -20.49
CA LEU A 230 -10.42 -11.26 -19.42
C LEU A 230 -9.68 -12.46 -20.03
N ALA A 231 -10.27 -13.02 -21.07
CA ALA A 231 -9.71 -14.23 -21.65
C ALA A 231 -8.41 -13.91 -22.39
N LYS A 232 -8.28 -12.66 -22.84
CA LYS A 232 -7.03 -12.20 -23.45
C LYS A 232 -5.91 -11.90 -22.46
N MET A 233 -6.22 -11.74 -21.18
CA MET A 233 -5.17 -11.36 -20.22
C MET A 233 -4.24 -12.55 -19.94
N LYS A 234 -3.10 -12.30 -19.29
CA LYS A 234 -2.16 -13.35 -18.85
C LYS A 234 -2.84 -14.23 -17.82
N ASP A 235 -2.61 -15.54 -17.84
CA ASP A 235 -3.00 -16.37 -16.69
C ASP A 235 -2.32 -15.80 -15.43
N GLY A 236 -3.07 -15.63 -14.33
CA GLY A 236 -2.52 -15.05 -13.10
C GLY A 236 -2.46 -13.53 -13.05
N VAL A 237 -3.18 -12.85 -13.96
CA VAL A 237 -3.21 -11.38 -13.95
C VAL A 237 -3.81 -10.92 -12.63
N VAL A 238 -3.40 -9.74 -12.17
CA VAL A 238 -4.05 -9.08 -11.06
C VAL A 238 -4.69 -7.80 -11.61
N ILE A 239 -5.95 -7.59 -11.28
CA ILE A 239 -6.68 -6.41 -11.79
C ILE A 239 -6.96 -5.41 -10.69
N VAL A 240 -6.65 -4.13 -10.94
CA VAL A 240 -6.97 -3.05 -9.99
C VAL A 240 -7.92 -2.06 -10.62
N ASN A 241 -8.92 -1.63 -9.85
CA ASN A 241 -9.87 -0.63 -10.30
C ASN A 241 -10.19 0.33 -9.21
N THR A 242 -9.82 1.57 -9.41
CA THR A 242 -10.22 2.64 -8.55
C THR A 242 -11.14 3.66 -9.25
N ALA A 243 -11.58 3.33 -10.44
CA ALA A 243 -12.29 4.27 -11.32
C ALA A 243 -13.81 4.18 -11.17
N ARG A 244 -14.44 3.33 -11.97
CA ARG A 244 -15.87 3.10 -11.86
C ARG A 244 -16.07 1.60 -11.99
N GLY A 245 -16.89 0.99 -11.14
CA GLY A 245 -16.90 -0.47 -11.12
C GLY A 245 -17.57 -1.02 -12.38
N ALA A 246 -18.45 -0.25 -13.00
CA ALA A 246 -19.21 -0.75 -14.13
C ALA A 246 -18.40 -0.79 -15.41
N LEU A 247 -17.14 -0.38 -15.34
CA LEU A 247 -16.21 -0.56 -16.46
C LEU A 247 -15.89 -2.04 -16.64
N ILE A 248 -16.13 -2.83 -15.60
CA ILE A 248 -15.87 -4.25 -15.67
C ILE A 248 -17.20 -4.97 -15.50
N ASP A 249 -17.39 -6.02 -16.31
CA ASP A 249 -18.51 -6.95 -16.17
C ASP A 249 -18.20 -7.77 -14.90
N GLU A 250 -18.76 -7.34 -13.78
CA GLU A 250 -18.32 -7.88 -12.49
C GLU A 250 -18.65 -9.37 -12.39
N LYS A 251 -19.73 -9.78 -13.04
CA LYS A 251 -20.08 -11.21 -13.00
C LYS A 251 -19.04 -12.01 -13.78
N ALA A 252 -18.56 -11.46 -14.88
CA ALA A 252 -17.49 -12.11 -15.64
C ALA A 252 -16.16 -12.12 -14.90
N LEU A 253 -15.88 -11.07 -14.17
CA LEU A 253 -14.70 -10.98 -13.35
C LEU A 253 -14.74 -12.08 -12.28
N VAL A 254 -15.91 -12.28 -11.67
CA VAL A 254 -16.05 -13.35 -10.67
C VAL A 254 -15.76 -14.73 -11.29
N ARG A 255 -16.34 -15.03 -12.45
CA ARG A 255 -16.04 -16.29 -13.10
C ARG A 255 -14.54 -16.48 -13.42
N ALA A 256 -13.86 -15.39 -13.76
CA ALA A 256 -12.46 -15.42 -14.10
C ALA A 256 -11.57 -15.61 -12.86
N LEU A 257 -12.02 -15.10 -11.73
CA LEU A 257 -11.37 -15.37 -10.46
C LEU A 257 -11.56 -16.83 -10.10
N GLU A 258 -12.78 -17.31 -10.33
CA GLU A 258 -13.14 -18.69 -10.01
C GLU A 258 -12.36 -19.72 -10.82
N SER A 259 -12.08 -19.44 -12.08
CA SER A 259 -11.36 -20.38 -12.93
C SER A 259 -9.85 -20.32 -12.65
N GLY A 260 -9.40 -19.28 -11.95
CA GLY A 260 -7.98 -19.10 -11.69
C GLY A 260 -7.31 -18.26 -12.76
N LYS A 261 -8.08 -17.79 -13.73
CA LYS A 261 -7.54 -16.90 -14.78
C LYS A 261 -6.97 -15.63 -14.14
N VAL A 262 -7.77 -15.02 -13.27
CA VAL A 262 -7.35 -13.85 -12.54
C VAL A 262 -6.90 -14.30 -11.15
N ALA A 263 -5.67 -13.95 -10.76
CA ALA A 263 -5.13 -14.41 -9.50
C ALA A 263 -5.77 -13.65 -8.32
N SER A 264 -5.95 -12.35 -8.49
CA SER A 264 -6.48 -11.51 -7.43
C SER A 264 -6.95 -10.21 -8.03
N VAL A 265 -7.72 -9.46 -7.25
CA VAL A 265 -8.10 -8.12 -7.64
C VAL A 265 -7.92 -7.18 -6.48
N GLY A 266 -7.71 -5.91 -6.80
CA GLY A 266 -7.59 -4.84 -5.82
C GLY A 266 -8.60 -3.79 -6.23
N LEU A 267 -9.76 -3.79 -5.57
CA LEU A 267 -10.87 -2.92 -6.01
C LEU A 267 -11.27 -1.89 -4.97
N ASP A 268 -11.69 -0.71 -5.44
CA ASP A 268 -12.22 0.33 -4.58
C ASP A 268 -13.60 0.63 -5.09
N VAL A 269 -13.96 0.04 -6.22
CA VAL A 269 -15.26 0.37 -6.87
C VAL A 269 -15.93 -0.85 -7.45
N TYR A 270 -17.26 -0.79 -7.61
CA TYR A 270 -18.06 -1.96 -7.95
C TYR A 270 -19.22 -1.60 -8.86
N GLU A 271 -19.64 -2.57 -9.65
CA GLU A 271 -20.66 -2.30 -10.67
C GLU A 271 -21.99 -1.79 -10.12
N ASN A 272 -22.43 -2.30 -8.97
CA ASN A 272 -23.68 -1.87 -8.37
C ASN A 272 -23.52 -1.38 -6.95
N GLU A 273 -22.47 -0.58 -6.73
CA GLU A 273 -22.13 -0.19 -5.36
C GLU A 273 -23.30 0.62 -4.78
N PRO A 274 -23.61 0.41 -3.49
CA PRO A 274 -22.76 -0.32 -2.54
C PRO A 274 -22.89 -1.85 -2.52
N GLN A 275 -23.65 -2.45 -3.42
CA GLN A 275 -23.66 -3.91 -3.50
C GLN A 275 -22.36 -4.37 -4.13
N VAL A 276 -21.88 -5.55 -3.75
CA VAL A 276 -20.72 -6.18 -4.38
C VAL A 276 -21.13 -7.59 -4.78
N GLU A 277 -20.73 -8.07 -5.96
CA GLU A 277 -21.10 -9.45 -6.31
C GLU A 277 -20.64 -10.40 -5.21
N PRO A 278 -21.51 -11.32 -4.78
CA PRO A 278 -21.17 -12.20 -3.66
C PRO A 278 -19.88 -12.98 -3.84
N GLY A 279 -19.68 -13.60 -5.01
CA GLY A 279 -18.46 -14.36 -5.25
C GLY A 279 -17.22 -13.49 -5.17
N LEU A 280 -17.41 -12.19 -5.31
CA LEU A 280 -16.28 -11.26 -5.16
C LEU A 280 -16.07 -10.95 -3.65
N LEU A 281 -17.14 -10.55 -2.98
CA LEU A 281 -17.08 -10.17 -1.59
C LEU A 281 -16.58 -11.33 -0.75
N ASN A 282 -16.90 -12.55 -1.17
CA ASN A 282 -16.65 -13.72 -0.32
C ASN A 282 -15.30 -14.35 -0.59
N ASN A 283 -14.54 -13.75 -1.50
CA ASN A 283 -13.23 -14.29 -1.90
C ASN A 283 -12.08 -13.67 -1.08
N PRO A 284 -11.46 -14.47 -0.20
CA PRO A 284 -10.49 -13.86 0.72
C PRO A 284 -9.16 -13.57 0.02
N ARG A 285 -9.02 -13.98 -1.24
CA ARG A 285 -7.83 -13.65 -2.06
C ARG A 285 -7.94 -12.29 -2.73
N ALA A 286 -9.14 -11.73 -2.79
CA ALA A 286 -9.37 -10.37 -3.28
C ALA A 286 -9.00 -9.31 -2.23
N MET A 287 -8.63 -8.12 -2.68
CA MET A 287 -8.38 -7.01 -1.75
C MET A 287 -9.40 -5.93 -2.06
N LEU A 288 -10.29 -5.65 -1.11
CA LEU A 288 -11.51 -4.87 -1.40
C LEU A 288 -11.66 -3.71 -0.42
N LEU A 289 -11.91 -2.52 -0.96
CA LEU A 289 -12.26 -1.34 -0.16
C LEU A 289 -13.60 -0.76 -0.63
N PRO A 290 -14.32 -0.08 0.28
CA PRO A 290 -15.64 0.49 -0.09
C PRO A 290 -15.57 1.92 -0.61
N HIS A 291 -14.86 2.06 -1.72
CA HIS A 291 -14.72 3.35 -2.41
C HIS A 291 -14.24 4.45 -1.50
N ILE A 292 -13.02 4.26 -0.96
CA ILE A 292 -12.44 5.22 -0.03
C ILE A 292 -11.37 6.11 -0.68
N GLY A 293 -11.19 5.97 -1.99
CA GLY A 293 -10.14 6.67 -2.74
C GLY A 293 -9.82 8.08 -2.25
N THR A 294 -10.82 8.95 -2.28
CA THR A 294 -10.61 10.35 -1.92
C THR A 294 -11.05 10.69 -0.51
N MET A 295 -11.33 9.67 0.33
CA MET A 295 -11.82 9.94 1.66
C MET A 295 -10.70 10.33 2.63
N THR A 296 -10.00 11.42 2.30
CA THR A 296 -9.09 12.03 3.28
C THR A 296 -9.41 13.48 3.53
N TYR A 297 -8.84 14.05 4.61
CA TYR A 297 -9.18 15.40 4.97
C TYR A 297 -8.65 16.35 3.92
N GLU A 298 -7.44 16.08 3.47
CA GLU A 298 -6.78 17.06 2.62
C GLU A 298 -7.36 17.04 1.21
N THR A 299 -7.53 15.86 0.66
CA THR A 299 -8.20 15.72 -0.65
C THR A 299 -9.66 16.21 -0.69
N GLN A 300 -10.49 15.78 0.25
CA GLN A 300 -11.87 16.28 0.27
C GLN A 300 -11.95 17.78 0.38
N LYS A 301 -11.08 18.41 1.17
CA LYS A 301 -11.20 19.87 1.33
C LYS A 301 -10.68 20.51 0.06
N GLU A 302 -9.64 19.93 -0.54
CA GLU A 302 -9.13 20.52 -1.79
C GLU A 302 -10.19 20.44 -2.88
N MET A 303 -10.95 19.34 -2.89
CA MET A 303 -12.00 19.17 -3.91
C MET A 303 -13.12 20.22 -3.69
N GLU A 304 -13.65 20.32 -2.47
CA GLU A 304 -14.60 21.40 -2.16
C GLU A 304 -14.13 22.82 -2.55
N LEU A 305 -12.88 23.16 -2.22
CA LEU A 305 -12.35 24.49 -2.51
C LEU A 305 -12.31 24.76 -4.01
N LEU A 306 -11.96 23.73 -4.78
CA LEU A 306 -11.94 23.83 -6.24
C LEU A 306 -13.33 24.10 -6.81
N VAL A 307 -14.34 23.41 -6.29
CA VAL A 307 -15.71 23.69 -6.73
C VAL A 307 -16.12 25.12 -6.38
N LEU A 308 -15.76 25.57 -5.18
CA LEU A 308 -16.21 26.88 -4.72
C LEU A 308 -15.47 27.96 -5.49
N ASN A 309 -14.22 27.69 -5.88
CA ASN A 309 -13.48 28.65 -6.71
C ASN A 309 -14.04 28.74 -8.12
N ASN A 310 -14.45 27.62 -8.68
CA ASN A 310 -15.21 27.62 -9.93
C ASN A 310 -16.49 28.46 -9.81
N LEU A 311 -17.27 28.22 -8.75
CA LEU A 311 -18.46 29.04 -8.50
C LEU A 311 -18.19 30.53 -8.44
N ARG A 312 -17.18 30.91 -7.68
CA ARG A 312 -16.87 32.31 -7.51
C ARG A 312 -16.44 32.93 -8.85
N SER A 313 -15.65 32.18 -9.61
CA SER A 313 -15.24 32.65 -10.94
C SER A 313 -16.45 32.82 -11.85
N ALA A 314 -17.38 31.88 -11.77
CA ALA A 314 -18.57 31.92 -12.62
C ALA A 314 -19.40 33.16 -12.33
N ILE A 315 -19.67 33.38 -11.05
CA ILE A 315 -20.41 34.55 -10.59
C ILE A 315 -19.70 35.87 -10.89
N GLU A 316 -18.41 35.96 -10.58
CA GLU A 316 -17.72 37.25 -10.71
C GLU A 316 -17.34 37.58 -12.14
N LYS A 317 -16.89 36.57 -12.89
CA LYS A 317 -16.27 36.75 -14.20
C LYS A 317 -17.05 36.06 -15.32
N GLY A 318 -17.95 35.15 -14.98
CA GLY A 318 -18.72 34.49 -16.03
C GLY A 318 -17.87 33.45 -16.74
N GLU A 319 -16.95 32.86 -16.00
CA GLU A 319 -16.16 31.76 -16.55
C GLU A 319 -15.79 30.74 -15.48
N LEU A 320 -15.61 29.51 -15.91
CA LEU A 320 -15.21 28.43 -15.02
C LEU A 320 -13.68 28.24 -15.02
N LEU A 321 -13.17 27.58 -13.98
CA LEU A 321 -11.76 27.26 -13.89
C LEU A 321 -11.47 25.88 -14.49
N THR A 322 -12.32 24.91 -14.18
CA THR A 322 -12.17 23.56 -14.68
C THR A 322 -13.42 23.02 -15.39
N GLN A 323 -13.82 23.72 -16.43
CA GLN A 323 -14.97 23.28 -17.24
C GLN A 323 -14.70 21.90 -17.85
N VAL A 324 -15.72 21.04 -17.83
CA VAL A 324 -15.57 19.67 -18.36
C VAL A 324 -15.11 19.69 -19.83
N PRO A 325 -14.20 18.75 -20.22
CA PRO A 325 -13.63 18.77 -21.57
C PRO A 325 -14.69 18.62 -22.67
N GLU A 326 -15.78 17.91 -22.40
CA GLU A 326 -16.88 17.87 -23.40
C GLU A 326 -17.35 19.24 -23.89
N GLN A 327 -17.32 20.25 -23.03
CA GLN A 327 -17.84 21.54 -23.44
C GLN A 327 -16.71 22.47 -23.84
N LYS A 328 -15.49 22.03 -23.67
CA LYS A 328 -14.34 22.94 -23.75
C LYS A 328 -13.50 22.70 -25.01
N MET B 1 42.17 -33.08 4.98
CA MET B 1 41.20 -34.15 5.06
C MET B 1 40.18 -34.21 3.93
N PRO B 2 39.74 -35.40 3.67
CA PRO B 2 38.47 -35.64 3.01
C PRO B 2 37.34 -35.57 4.04
N SER B 3 36.15 -35.87 3.57
CA SER B 3 35.00 -36.09 4.39
C SER B 3 34.32 -34.83 4.89
N GLN B 4 34.41 -33.75 4.16
CA GLN B 4 33.66 -32.56 4.52
C GLN B 4 32.18 -32.75 4.36
N ALA B 5 31.42 -32.17 5.26
CA ALA B 5 29.96 -32.18 5.16
C ALA B 5 29.37 -30.80 5.37
N ALA B 6 28.18 -30.62 4.84
CA ALA B 6 27.36 -29.43 5.13
C ALA B 6 26.08 -29.85 5.84
N LEU B 7 25.60 -29.04 6.77
CA LEU B 7 24.42 -29.40 7.54
C LEU B 7 23.36 -28.33 7.33
N LEU B 8 22.19 -28.75 6.83
CA LEU B 8 21.02 -27.88 6.72
C LEU B 8 20.17 -27.96 7.99
N ILE B 9 19.95 -26.81 8.64
CA ILE B 9 19.07 -26.72 9.80
C ILE B 9 17.72 -26.19 9.28
N GLY B 10 16.65 -26.95 9.51
CA GLY B 10 15.32 -26.55 9.08
C GLY B 10 15.09 -26.89 7.61
N ASP B 11 14.34 -26.05 6.93
CA ASP B 11 13.91 -26.31 5.54
C ASP B 11 14.54 -25.38 4.48
N ILE B 12 14.63 -25.92 3.28
CA ILE B 12 14.84 -25.11 2.10
C ILE B 12 13.59 -25.33 1.23
N VAL B 13 12.90 -24.24 0.89
CA VAL B 13 11.61 -24.31 0.23
C VAL B 13 11.69 -24.22 -1.28
N HIS B 14 12.48 -23.27 -1.78
CA HIS B 14 12.47 -22.94 -3.20
C HIS B 14 13.71 -23.40 -3.97
N ALA B 15 14.79 -23.68 -3.24
CA ALA B 15 16.05 -23.94 -3.88
C ALA B 15 16.63 -25.33 -3.53
N ARG B 16 15.74 -26.33 -3.37
CA ARG B 16 16.20 -27.69 -3.08
C ARG B 16 17.18 -28.22 -4.14
N ALA B 17 16.98 -27.88 -5.42
CA ALA B 17 17.90 -28.31 -6.48
C ALA B 17 19.32 -27.83 -6.22
N GLU B 18 19.45 -26.55 -5.89
CA GLU B 18 20.74 -25.92 -5.61
C GLU B 18 21.42 -26.54 -4.39
N TRP B 19 20.64 -26.87 -3.36
CA TRP B 19 21.18 -27.62 -2.21
C TRP B 19 21.65 -29.01 -2.59
N GLU B 20 20.81 -29.79 -3.28
CA GLU B 20 21.23 -31.13 -3.71
C GLU B 20 22.50 -31.07 -4.57
N ALA B 21 22.63 -30.04 -5.39
CA ALA B 21 23.79 -29.94 -6.27
C ALA B 21 25.11 -29.93 -5.50
N LEU B 22 25.11 -29.40 -4.29
CA LEU B 22 26.33 -29.35 -3.46
C LEU B 22 26.89 -30.72 -3.08
N SER B 23 26.16 -31.79 -3.39
CA SER B 23 26.61 -33.13 -3.03
C SER B 23 27.81 -33.55 -3.84
N SER B 24 28.13 -32.81 -4.91
CA SER B 24 29.33 -33.14 -5.67
C SER B 24 30.56 -32.76 -4.85
N LEU B 25 30.38 -31.75 -4.00
CA LEU B 25 31.43 -31.18 -3.17
C LEU B 25 31.49 -31.77 -1.77
N VAL B 26 30.34 -32.00 -1.12
CA VAL B 26 30.39 -32.41 0.30
C VAL B 26 29.28 -33.39 0.60
N THR B 27 29.36 -34.04 1.76
CA THR B 27 28.25 -34.86 2.27
C THR B 27 27.11 -33.96 2.76
N LEU B 28 25.88 -34.12 2.22
CA LEU B 28 24.75 -33.30 2.71
C LEU B 28 24.05 -33.99 3.91
N LYS B 29 23.98 -33.26 5.04
CA LYS B 29 23.29 -33.68 6.26
C LYS B 29 22.12 -32.72 6.58
N GLU B 30 21.09 -33.22 7.26
CA GLU B 30 19.95 -32.36 7.57
C GLU B 30 19.48 -32.56 9.00
N PHE B 31 19.12 -31.45 9.65
CA PHE B 31 18.39 -31.48 10.91
C PHE B 31 17.12 -30.67 10.68
N PRO B 32 16.10 -31.33 10.09
CA PRO B 32 14.86 -30.66 9.69
C PRO B 32 14.00 -30.23 10.87
N GLU B 33 14.16 -30.93 11.99
CA GLU B 33 13.38 -30.68 13.18
C GLU B 33 13.97 -31.53 14.28
N GLY B 34 13.57 -31.26 15.52
CA GLY B 34 13.96 -32.12 16.63
C GLY B 34 13.98 -31.44 17.98
N GLY B 35 14.26 -30.14 17.97
CA GLY B 35 14.37 -29.41 19.22
C GLY B 35 15.81 -29.28 19.67
N ARG B 36 16.02 -28.27 20.52
CA ARG B 36 17.35 -27.89 21.00
C ARG B 36 18.10 -29.01 21.73
N GLU B 37 17.43 -29.68 22.66
CA GLU B 37 18.03 -30.85 23.33
C GLU B 37 18.62 -31.84 22.34
N LYS B 38 17.80 -32.25 21.38
CA LYS B 38 18.23 -33.23 20.40
C LYS B 38 19.39 -32.72 19.57
N PHE B 39 19.33 -31.46 19.12
CA PHE B 39 20.42 -30.88 18.34
C PHE B 39 21.75 -30.91 19.11
N LEU B 40 21.74 -30.45 20.35
CA LEU B 40 22.91 -30.50 21.22
C LEU B 40 23.42 -31.93 21.46
N GLU B 41 22.51 -32.89 21.53
CA GLU B 41 22.94 -34.29 21.68
C GLU B 41 23.62 -34.82 20.43
N ASN B 42 23.10 -34.40 19.28
CA ASN B 42 23.68 -34.79 18.01
C ASN B 42 25.09 -34.23 17.91
N CYS B 43 25.24 -32.97 18.32
CA CYS B 43 26.57 -32.36 18.39
C CYS B 43 27.53 -33.17 19.26
N LYS B 44 27.15 -33.44 20.51
CA LYS B 44 28.03 -34.16 21.42
C LYS B 44 28.32 -35.57 20.96
N SER B 45 27.43 -36.14 20.13
CA SER B 45 27.56 -37.54 19.75
C SER B 45 28.68 -37.78 18.75
N GLY B 46 29.08 -36.72 18.04
CA GLY B 46 30.16 -36.83 17.06
C GLY B 46 29.66 -36.96 15.63
N GLN B 47 28.34 -37.03 15.47
CA GLN B 47 27.78 -37.28 14.15
C GLN B 47 27.95 -36.07 13.21
N TYR B 48 28.19 -34.88 13.77
CA TYR B 48 28.46 -33.69 12.97
C TYR B 48 29.96 -33.32 12.91
N ASP B 49 30.83 -34.23 13.32
CA ASP B 49 32.25 -33.89 13.45
C ASP B 49 32.97 -33.59 12.13
N ASP B 50 32.32 -33.85 11.01
CA ASP B 50 32.87 -33.53 9.71
C ASP B 50 32.22 -32.27 9.10
N VAL B 51 31.31 -31.64 9.82
CA VAL B 51 30.54 -30.55 9.22
C VAL B 51 31.38 -29.27 9.14
N ILE B 52 31.67 -28.81 7.93
CA ILE B 52 32.44 -27.55 7.81
C ILE B 52 31.51 -26.34 7.71
N ALA B 53 30.31 -26.55 7.18
CA ALA B 53 29.42 -25.41 6.97
C ALA B 53 27.98 -25.75 7.29
N ILE B 54 27.25 -24.78 7.82
CA ILE B 54 25.86 -24.99 8.23
C ILE B 54 24.97 -23.98 7.50
N TYR B 55 23.87 -24.44 6.92
CA TYR B 55 22.83 -23.54 6.41
C TYR B 55 21.79 -23.45 7.51
N ARG B 56 21.38 -22.22 7.89
CA ARG B 56 20.27 -22.06 8.82
C ARG B 56 19.46 -20.85 8.43
N SER B 57 18.34 -20.64 9.11
CA SER B 57 17.48 -19.49 8.82
C SER B 57 16.81 -18.95 10.08
N ASN B 58 16.20 -17.76 9.96
CA ASN B 58 15.45 -17.18 11.06
C ASN B 58 14.32 -18.12 11.46
N ILE B 59 13.59 -18.64 10.47
CA ILE B 59 12.56 -19.63 10.79
C ILE B 59 13.11 -20.84 11.54
N SER B 60 14.29 -21.33 11.12
CA SER B 60 14.87 -22.54 11.71
C SER B 60 15.21 -22.44 13.21
N THR B 61 15.12 -21.23 13.78
CA THR B 61 15.36 -21.04 15.21
C THR B 61 14.38 -21.87 16.04
N LYS B 62 13.21 -22.16 15.49
CA LYS B 62 12.25 -23.01 16.21
C LYS B 62 12.78 -24.42 16.45
N HIS B 63 13.72 -24.87 15.63
CA HIS B 63 14.19 -26.24 15.74
C HIS B 63 15.40 -26.41 16.65
N THR B 64 16.13 -25.33 16.92
CA THR B 64 17.37 -25.42 17.70
C THR B 64 17.51 -24.41 18.82
N GLY B 65 16.62 -23.41 18.83
CA GLY B 65 16.88 -22.24 19.64
C GLY B 65 17.90 -21.35 18.96
N PRO B 66 18.20 -20.18 19.54
CA PRO B 66 19.14 -19.29 18.85
C PRO B 66 20.56 -19.92 18.81
N PHE B 67 21.32 -19.52 17.81
CA PHE B 67 22.72 -19.93 17.78
C PHE B 67 23.44 -18.95 18.69
N ASP B 68 23.21 -19.08 19.99
CA ASP B 68 23.82 -18.18 20.98
C ASP B 68 25.18 -18.72 21.44
N ARG B 69 25.83 -18.04 22.39
CA ARG B 69 27.15 -18.48 22.86
C ARG B 69 27.14 -19.94 23.31
N GLU B 70 26.08 -20.35 24.01
CA GLU B 70 26.00 -21.74 24.49
C GLU B 70 25.96 -22.78 23.37
N LEU B 71 25.17 -22.50 22.34
CA LEU B 71 25.06 -23.41 21.22
C LEU B 71 26.36 -23.45 20.43
N ILE B 72 26.91 -22.31 20.17
CA ILE B 72 28.10 -22.22 19.39
C ILE B 72 29.20 -23.00 20.09
N SER B 73 29.17 -22.99 21.42
CA SER B 73 30.15 -23.73 22.20
C SER B 73 30.06 -25.22 21.95
N ALA B 74 28.84 -25.71 21.82
CA ALA B 74 28.55 -27.09 21.51
C ALA B 74 28.87 -27.60 20.10
N LEU B 75 28.95 -26.70 19.14
CA LEU B 75 29.19 -27.09 17.76
C LEU B 75 30.55 -27.74 17.66
N PRO B 76 30.67 -28.74 16.78
CA PRO B 76 31.97 -29.39 16.57
C PRO B 76 33.03 -28.41 16.04
N LYS B 77 34.30 -28.69 16.35
CA LYS B 77 35.42 -27.82 15.93
C LYS B 77 35.57 -27.71 14.41
N SER B 78 35.04 -28.70 13.68
CA SER B 78 35.03 -28.69 12.22
C SER B 78 34.32 -27.48 11.62
N VAL B 79 33.30 -26.96 12.30
CA VAL B 79 32.47 -25.90 11.71
C VAL B 79 33.25 -24.62 11.43
N LYS B 80 33.26 -24.19 10.18
CA LYS B 80 34.02 -23.00 9.80
C LYS B 80 33.12 -21.88 9.28
N TYR B 81 31.89 -22.24 8.92
CA TYR B 81 30.97 -21.28 8.29
C TYR B 81 29.56 -21.52 8.77
N ILE B 82 28.84 -20.44 9.01
CA ILE B 82 27.40 -20.53 9.15
C ILE B 82 26.80 -19.54 8.18
N CYS B 83 26.00 -20.05 7.24
CA CYS B 83 25.40 -19.22 6.24
C CYS B 83 23.93 -19.13 6.57
N HIS B 84 23.51 -17.91 6.85
CA HIS B 84 22.24 -17.63 7.45
C HIS B 84 21.27 -16.97 6.47
N ASN B 85 20.05 -17.49 6.47
CA ASN B 85 19.00 -16.94 5.65
C ASN B 85 18.24 -15.89 6.43
N GLY B 86 18.46 -14.65 6.03
CA GLY B 86 17.84 -13.50 6.69
C GLY B 86 18.75 -12.28 6.66
N ALA B 87 18.16 -11.08 6.57
CA ALA B 87 18.96 -9.87 6.62
C ALA B 87 19.28 -9.56 8.09
N GLY B 88 18.37 -9.95 8.99
CA GLY B 88 18.64 -9.87 10.42
C GLY B 88 19.14 -11.20 10.97
N TYR B 89 20.03 -11.13 11.96
CA TYR B 89 20.64 -12.36 12.53
C TYR B 89 20.89 -12.13 14.02
N ASP B 90 19.91 -11.52 14.69
CA ASP B 90 20.07 -11.24 16.12
C ASP B 90 19.85 -12.55 16.87
N ASN B 91 19.61 -13.65 16.16
CA ASN B 91 19.57 -14.96 16.82
C ASN B 91 20.89 -15.77 16.68
N ILE B 92 21.95 -15.08 16.24
CA ILE B 92 23.29 -15.68 16.20
C ILE B 92 24.19 -14.74 17.00
N ASP B 93 25.04 -15.31 17.85
CA ASP B 93 26.00 -14.55 18.61
C ASP B 93 27.28 -14.45 17.75
N VAL B 94 27.37 -13.39 16.97
CA VAL B 94 28.51 -13.20 16.07
C VAL B 94 29.90 -13.23 16.76
N ASP B 95 30.02 -12.57 17.91
CA ASP B 95 31.29 -12.60 18.62
C ASP B 95 31.66 -14.00 19.09
N ALA B 96 30.68 -14.77 19.58
CA ALA B 96 30.97 -16.17 19.96
C ALA B 96 31.44 -17.01 18.77
N ALA B 97 30.79 -16.82 17.61
CA ALA B 97 31.25 -17.46 16.37
C ALA B 97 32.69 -17.10 16.05
N THR B 98 32.97 -15.80 16.03
CA THR B 98 34.32 -15.30 15.77
C THR B 98 35.32 -16.02 16.66
N GLU B 99 35.04 -16.06 17.96
CA GLU B 99 35.92 -16.74 18.90
C GLU B 99 36.12 -18.23 18.60
N ALA B 100 35.09 -18.86 18.04
CA ALA B 100 35.17 -20.29 17.66
C ALA B 100 35.73 -20.48 16.26
N GLY B 101 36.16 -19.40 15.60
CA GLY B 101 36.70 -19.53 14.25
C GLY B 101 35.68 -19.79 13.15
N ILE B 102 34.45 -19.34 13.40
CA ILE B 102 33.35 -19.51 12.45
C ILE B 102 33.01 -18.17 11.79
N ALA B 103 32.97 -18.16 10.46
CA ALA B 103 32.58 -16.97 9.71
C ALA B 103 31.10 -17.06 9.36
N ILE B 104 30.38 -15.94 9.49
CA ILE B 104 28.95 -15.92 9.29
C ILE B 104 28.58 -15.08 8.08
N SER B 105 27.71 -15.58 7.22
CA SER B 105 27.12 -14.68 6.21
C SER B 105 25.62 -14.51 6.42
N SER B 106 25.06 -13.45 5.88
CA SER B 106 23.63 -13.19 5.99
C SER B 106 23.08 -12.90 4.59
N THR B 107 21.84 -12.43 4.49
CA THR B 107 21.25 -12.09 3.19
C THR B 107 20.83 -10.61 3.09
N PRO B 108 21.80 -9.72 3.09
CA PRO B 108 21.58 -8.32 2.73
C PRO B 108 21.38 -8.17 1.22
N ILE B 109 20.56 -7.21 0.79
CA ILE B 109 20.41 -6.91 -0.63
C ILE B 109 19.39 -7.78 -1.37
N ALA B 110 18.72 -8.67 -0.65
CA ALA B 110 17.67 -9.45 -1.22
C ALA B 110 16.34 -9.04 -0.61
N VAL B 111 16.37 -8.64 0.64
CA VAL B 111 15.13 -8.36 1.36
C VAL B 111 14.59 -6.96 1.09
N ASN B 112 15.35 -6.10 0.40
CA ASN B 112 15.05 -4.67 0.46
C ASN B 112 13.73 -4.31 -0.20
N ASN B 113 13.48 -4.80 -1.40
CA ASN B 113 12.25 -4.39 -2.08
C ASN B 113 11.02 -4.92 -1.36
N ALA B 114 10.97 -6.21 -1.11
CA ALA B 114 9.78 -6.77 -0.48
C ALA B 114 9.43 -6.10 0.84
N THR B 115 10.41 -5.89 1.73
CA THR B 115 10.12 -5.28 3.03
C THR B 115 9.63 -3.86 2.86
N ALA B 116 10.29 -3.11 1.98
CA ALA B 116 9.84 -1.76 1.69
C ALA B 116 8.43 -1.69 1.10
N ASP B 117 8.06 -2.62 0.23
CA ASP B 117 6.69 -2.74 -0.31
C ASP B 117 5.72 -2.88 0.84
N VAL B 118 6.05 -3.71 1.83
CA VAL B 118 5.12 -3.93 2.95
C VAL B 118 5.10 -2.70 3.87
N ALA B 119 6.26 -2.05 4.04
CA ALA B 119 6.33 -0.81 4.84
C ALA B 119 5.37 0.25 4.31
N ILE B 120 5.36 0.42 2.99
CA ILE B 120 4.49 1.42 2.36
C ILE B 120 3.02 1.02 2.44
N PHE B 121 2.72 -0.24 2.16
CA PHE B 121 1.37 -0.78 2.36
C PHE B 121 0.90 -0.47 3.77
N LEU B 122 1.74 -0.80 4.75
CA LEU B 122 1.40 -0.53 6.15
C LEU B 122 1.21 0.96 6.43
N MET B 123 2.02 1.81 5.79
CA MET B 123 1.93 3.25 6.04
C MET B 123 0.60 3.80 5.51
N ILE B 124 0.27 3.42 4.28
CA ILE B 124 -0.98 3.89 3.71
C ILE B 124 -2.15 3.35 4.52
N GLY B 125 -2.07 2.09 4.93
CA GLY B 125 -3.10 1.49 5.77
C GLY B 125 -3.32 2.27 7.06
N ALA B 126 -2.23 2.64 7.72
CA ALA B 126 -2.30 3.35 8.98
C ALA B 126 -2.84 4.75 8.79
N LEU B 127 -2.45 5.42 7.70
CA LEU B 127 -2.94 6.77 7.46
C LEU B 127 -4.41 6.77 7.10
N ARG B 128 -4.94 5.64 6.61
CA ARG B 128 -6.37 5.59 6.33
C ARG B 128 -7.12 4.84 7.43
N GLN B 129 -6.40 4.36 8.44
CA GLN B 129 -6.95 3.43 9.46
C GLN B 129 -7.76 2.33 8.76
N ALA B 130 -7.12 1.68 7.80
CA ALA B 130 -7.85 0.88 6.79
C ALA B 130 -8.49 -0.38 7.31
N TYR B 131 -8.11 -0.83 8.48
CA TYR B 131 -8.72 -2.03 9.01
C TYR B 131 -10.22 -1.84 9.16
N VAL B 132 -10.64 -0.63 9.52
CA VAL B 132 -12.09 -0.31 9.63
C VAL B 132 -12.87 -0.54 8.32
N PRO B 133 -12.49 0.14 7.20
CA PRO B 133 -13.23 -0.14 5.96
C PRO B 133 -12.98 -1.54 5.41
N ILE B 134 -11.82 -2.12 5.68
CA ILE B 134 -11.54 -3.46 5.14
C ILE B 134 -12.52 -4.44 5.74
N THR B 135 -12.78 -4.27 7.04
CA THR B 135 -13.67 -5.21 7.71
C THR B 135 -15.12 -4.83 7.44
N ALA B 136 -15.40 -3.53 7.38
CA ALA B 136 -16.79 -3.10 7.19
C ALA B 136 -17.36 -3.65 5.89
N ILE B 137 -16.59 -3.56 4.79
CA ILE B 137 -17.14 -4.00 3.51
C ILE B 137 -17.42 -5.50 3.53
N ARG B 138 -16.57 -6.25 4.23
CA ARG B 138 -16.72 -7.71 4.28
C ARG B 138 -17.78 -8.15 5.28
N ALA B 139 -18.38 -7.19 5.98
CA ALA B 139 -19.49 -7.50 6.89
C ALA B 139 -20.81 -7.05 6.30
N GLY B 140 -20.76 -6.61 5.03
CA GLY B 140 -21.92 -6.09 4.33
C GLY B 140 -22.35 -4.72 4.85
N GLU B 141 -21.48 -4.04 5.57
CA GLU B 141 -21.72 -2.68 6.03
C GLU B 141 -21.33 -1.52 5.08
N TRP B 142 -20.63 -1.82 3.99
CA TRP B 142 -20.10 -0.76 3.18
C TRP B 142 -19.30 -0.05 4.26
N HIS B 143 -19.28 1.27 4.19
CA HIS B 143 -18.40 2.11 4.99
C HIS B 143 -18.26 1.75 6.47
N GLY B 144 -19.36 1.29 7.04
CA GLY B 144 -19.39 1.08 8.48
C GLY B 144 -18.94 2.36 9.19
N LYS B 145 -18.00 2.22 10.12
CA LYS B 145 -17.48 3.37 10.88
C LYS B 145 -16.21 4.02 10.35
N THR B 146 -15.93 3.78 9.06
CA THR B 146 -14.77 4.38 8.36
C THR B 146 -14.71 5.88 8.61
N THR B 147 -13.52 6.38 8.94
CA THR B 147 -13.32 7.82 9.13
C THR B 147 -12.41 8.32 8.03
N LEU B 148 -12.35 9.65 7.87
CA LEU B 148 -11.43 10.24 6.91
C LEU B 148 -9.98 10.02 7.33
N GLY B 149 -9.16 9.67 6.35
CA GLY B 149 -7.73 9.49 6.59
C GLY B 149 -6.97 10.75 6.25
N HIS B 150 -5.66 10.61 6.16
CA HIS B 150 -4.77 11.69 5.73
C HIS B 150 -3.90 11.26 4.57
N ASP B 151 -3.58 12.20 3.69
CA ASP B 151 -2.72 11.91 2.56
C ASP B 151 -1.29 12.01 2.97
N PRO B 152 -0.42 11.19 2.37
CA PRO B 152 0.97 11.41 2.73
C PRO B 152 1.60 12.59 2.01
N ASN B 153 1.00 13.03 0.89
CA ASN B 153 1.55 14.17 0.15
C ASN B 153 1.96 15.37 1.05
N GLY B 154 3.19 15.83 0.93
CA GLY B 154 3.65 16.95 1.73
C GLY B 154 4.02 16.66 3.18
N LYS B 155 3.82 15.44 3.65
CA LYS B 155 4.20 15.08 5.01
C LYS B 155 5.61 14.56 5.09
N THR B 156 6.19 14.61 6.29
CA THR B 156 7.57 14.15 6.49
C THR B 156 7.60 12.71 6.95
N LEU B 157 8.35 11.89 6.20
CA LEU B 157 8.67 10.54 6.63
C LEU B 157 10.02 10.58 7.29
N GLY B 158 10.09 10.16 8.54
CA GLY B 158 11.35 10.11 9.26
C GLY B 158 11.80 8.67 9.31
N ILE B 159 13.09 8.45 9.04
CA ILE B 159 13.62 7.08 9.01
C ILE B 159 14.78 6.96 10.00
N LEU B 160 14.59 6.14 11.04
CA LEU B 160 15.69 5.86 11.97
C LEU B 160 16.43 4.65 11.46
N GLY B 161 17.63 4.88 10.93
CA GLY B 161 18.35 3.81 10.24
C GLY B 161 17.99 3.71 8.77
N MET B 162 18.56 4.60 7.94
CA MET B 162 18.27 4.53 6.51
C MET B 162 19.38 3.75 5.79
N GLY B 163 19.29 2.43 5.90
CA GLY B 163 20.19 1.49 5.22
C GLY B 163 19.52 1.03 3.93
N GLY B 164 19.83 -0.18 3.47
CA GLY B 164 19.28 -0.70 2.23
C GLY B 164 17.77 -0.63 2.19
N ILE B 165 17.12 -1.16 3.22
CA ILE B 165 15.67 -1.15 3.30
C ILE B 165 15.10 0.27 3.43
N GLY B 166 15.69 1.08 4.30
CA GLY B 166 15.16 2.42 4.49
C GLY B 166 15.26 3.25 3.22
N ARG B 167 16.35 3.07 2.48
CA ARG B 167 16.47 3.80 1.21
C ARG B 167 15.40 3.38 0.18
N GLU B 168 15.02 2.10 0.18
CA GLU B 168 13.94 1.68 -0.69
C GLU B 168 12.60 2.21 -0.19
N VAL B 169 12.44 2.33 1.13
CA VAL B 169 11.22 2.93 1.64
C VAL B 169 11.16 4.40 1.25
N ALA B 170 12.29 5.09 1.35
CA ALA B 170 12.34 6.51 0.99
C ALA B 170 12.06 6.72 -0.49
N ARG B 171 12.58 5.83 -1.33
CA ARG B 171 12.37 5.93 -2.77
C ARG B 171 10.87 5.87 -3.09
N ARG B 172 10.17 4.90 -2.51
CA ARG B 172 8.73 4.81 -2.71
C ARG B 172 7.98 6.00 -2.10
N ALA B 173 8.34 6.35 -0.87
CA ALA B 173 7.66 7.45 -0.18
C ALA B 173 7.75 8.78 -0.94
N ARG B 174 8.90 9.06 -1.57
CA ARG B 174 9.03 10.29 -2.37
C ARG B 174 7.98 10.36 -3.48
N ALA B 175 7.64 9.20 -4.04
CA ALA B 175 6.68 9.13 -5.14
C ALA B 175 5.27 9.39 -4.63
N PHE B 176 5.06 9.21 -3.32
CA PHE B 176 3.79 9.56 -2.71
C PHE B 176 3.75 11.02 -2.26
N GLY B 177 4.81 11.77 -2.58
CA GLY B 177 4.86 13.18 -2.24
C GLY B 177 5.44 13.54 -0.88
N MET B 178 6.13 12.60 -0.25
CA MET B 178 6.70 12.87 1.09
C MET B 178 8.08 13.47 1.01
N ASN B 179 8.41 14.25 2.04
CA ASN B 179 9.76 14.73 2.28
C ASN B 179 10.43 13.73 3.22
N ILE B 180 11.71 13.51 3.00
CA ILE B 180 12.41 12.47 3.79
C ILE B 180 13.45 13.07 4.72
N ILE B 181 13.40 12.67 6.00
CA ILE B 181 14.50 12.96 6.92
C ILE B 181 14.95 11.65 7.56
N TYR B 182 16.19 11.60 8.05
CA TYR B 182 16.68 10.34 8.59
C TYR B 182 17.75 10.60 9.64
N HIS B 183 17.91 9.65 10.55
CA HIS B 183 19.05 9.67 11.45
C HIS B 183 19.75 8.33 11.45
N ASN B 184 21.03 8.36 11.07
CA ASN B 184 21.93 7.23 11.26
C ASN B 184 23.01 7.74 12.19
N ARG B 185 23.89 6.86 12.67
CA ARG B 185 25.05 7.28 13.47
C ARG B 185 25.87 8.30 12.68
N ASN B 186 26.09 8.00 11.40
CA ASN B 186 26.87 8.85 10.49
C ASN B 186 26.06 9.31 9.28
N LYS B 187 26.33 10.53 8.80
CA LYS B 187 25.67 11.04 7.60
C LYS B 187 26.05 10.18 6.38
N LEU B 188 25.08 9.87 5.53
CA LEU B 188 25.34 9.13 4.31
C LEU B 188 26.01 10.01 3.23
N PRO B 189 26.78 9.38 2.33
CA PRO B 189 27.26 10.08 1.14
C PRO B 189 26.10 10.47 0.21
N PRO B 190 26.26 11.58 -0.54
CA PRO B 190 25.24 12.15 -1.43
C PRO B 190 24.43 11.12 -2.23
N GLU B 191 25.11 10.24 -2.95
CA GLU B 191 24.47 9.24 -3.80
C GLU B 191 23.46 8.38 -3.05
N LEU B 192 23.79 8.05 -1.81
CA LEU B 192 22.94 7.18 -0.99
C LEU B 192 21.87 7.99 -0.27
N GLU B 193 22.15 9.27 -0.01
CA GLU B 193 21.23 10.08 0.74
C GLU B 193 20.06 10.50 -0.14
N ASP B 194 20.28 10.50 -1.45
CA ASP B 194 19.32 11.02 -2.44
C ASP B 194 18.44 12.17 -1.93
N GLY B 195 19.08 13.21 -1.40
CA GLY B 195 18.34 14.40 -1.01
C GLY B 195 17.65 14.36 0.34
N ALA B 196 17.60 13.19 0.98
CA ALA B 196 17.06 13.09 2.34
C ALA B 196 17.81 14.03 3.30
N LYS B 197 17.11 14.57 4.29
CA LYS B 197 17.76 15.47 5.26
C LYS B 197 18.28 14.72 6.50
N TYR B 198 19.59 14.80 6.75
CA TYR B 198 20.17 14.22 7.96
C TYR B 198 19.82 15.05 9.19
N VAL B 199 19.19 14.44 10.18
CA VAL B 199 18.76 15.15 11.38
C VAL B 199 19.27 14.36 12.58
N SER B 200 19.26 14.98 13.75
CA SER B 200 19.69 14.27 14.95
C SER B 200 18.53 13.36 15.37
N PHE B 201 18.81 12.48 16.33
CA PHE B 201 17.77 11.60 16.88
C PHE B 201 16.61 12.45 17.41
N ASP B 202 16.91 13.45 18.24
CA ASP B 202 15.84 14.29 18.78
C ASP B 202 15.05 15.01 17.69
N GLU B 203 15.73 15.47 16.64
CA GLU B 203 15.02 16.17 15.58
C GLU B 203 14.10 15.22 14.81
N LEU B 204 14.58 14.00 14.60
CA LEU B 204 13.81 12.97 13.90
C LEU B 204 12.48 12.72 14.62
N LEU B 205 12.52 12.63 15.96
CA LEU B 205 11.31 12.43 16.75
C LEU B 205 10.37 13.62 16.63
N ALA B 206 10.94 14.82 16.72
CA ALA B 206 10.16 16.04 16.71
C ALA B 206 9.43 16.26 15.39
N GLN B 207 10.11 15.94 14.29
CA GLN B 207 9.71 16.41 12.96
C GLN B 207 8.92 15.40 12.15
N SER B 208 9.01 14.11 12.48
CA SER B 208 8.33 13.09 11.64
C SER B 208 6.81 13.10 11.74
N ASP B 209 6.11 13.16 10.60
CA ASP B 209 4.69 12.86 10.55
C ASP B 209 4.45 11.34 10.54
N VAL B 210 5.31 10.62 9.80
CA VAL B 210 5.32 9.17 9.90
C VAL B 210 6.74 8.81 10.33
N PHE B 211 6.85 7.97 11.35
CA PHE B 211 8.15 7.65 11.90
C PHE B 211 8.41 6.19 11.65
N SER B 212 9.49 5.84 10.95
CA SER B 212 9.76 4.42 10.74
C SER B 212 11.17 4.06 11.15
N LEU B 213 11.36 2.78 11.40
CA LEU B 213 12.65 2.34 11.86
C LEU B 213 13.13 1.08 11.19
N ASN B 214 14.44 1.06 10.97
CA ASN B 214 15.15 -0.10 10.42
C ASN B 214 16.48 -0.26 11.11
N LEU B 215 16.50 -0.89 12.28
CA LEU B 215 17.75 -1.09 12.99
C LEU B 215 17.83 -2.53 13.32
N ALA B 216 19.06 -3.05 13.33
CA ALA B 216 19.33 -4.36 13.85
C ALA B 216 18.94 -4.34 15.32
N LEU B 217 18.39 -5.44 15.79
CA LEU B 217 18.07 -5.54 17.21
C LEU B 217 19.31 -5.97 18.00
N ASN B 218 19.68 -5.17 19.00
CA ASN B 218 20.67 -5.58 20.01
C ASN B 218 20.29 -5.08 21.40
N ALA B 219 21.13 -5.38 22.38
CA ALA B 219 20.79 -5.06 23.76
C ALA B 219 20.58 -3.57 23.96
N SER B 220 21.24 -2.74 23.14
CA SER B 220 21.11 -1.28 23.22
C SER B 220 19.97 -0.70 22.35
N THR B 221 19.56 -1.39 21.30
CA THR B 221 18.44 -0.91 20.46
C THR B 221 17.10 -1.48 20.90
N ARG B 222 17.12 -2.51 21.76
CA ARG B 222 15.88 -2.94 22.44
C ARG B 222 15.24 -1.74 23.12
N HIS B 223 13.97 -1.49 22.80
CA HIS B 223 13.24 -0.37 23.37
C HIS B 223 13.87 1.00 23.10
N ILE B 224 14.59 1.13 22.00
CA ILE B 224 15.09 2.44 21.61
C ILE B 224 13.92 3.44 21.51
N ILE B 225 12.74 2.96 21.09
CA ILE B 225 11.52 3.79 21.17
C ILE B 225 10.71 3.38 22.41
N GLY B 226 10.86 4.11 23.51
CA GLY B 226 10.06 3.87 24.69
C GLY B 226 9.24 5.10 25.05
N GLU B 227 8.68 5.17 26.26
CA GLU B 227 7.75 6.25 26.56
C GLU B 227 8.38 7.61 26.39
N LYS B 228 9.62 7.74 26.85
CA LYS B 228 10.32 9.02 26.68
C LYS B 228 10.40 9.49 25.22
N GLU B 229 10.72 8.57 24.30
CA GLU B 229 10.78 8.92 22.88
C GLU B 229 9.41 9.14 22.26
N LEU B 230 8.41 8.39 22.72
CA LEU B 230 7.03 8.58 22.20
C LEU B 230 6.53 9.97 22.55
N ALA B 231 6.93 10.44 23.74
CA ALA B 231 6.47 11.70 24.29
C ALA B 231 7.05 12.87 23.52
N LYS B 232 8.15 12.60 22.81
CA LYS B 232 8.84 13.61 22.02
C LYS B 232 8.34 13.72 20.58
N MET B 233 7.59 12.71 20.11
CA MET B 233 7.09 12.75 18.73
C MET B 233 5.95 13.79 18.65
N LYS B 234 5.51 14.10 17.43
CA LYS B 234 4.34 14.96 17.20
C LYS B 234 3.08 14.34 17.75
N ASP B 235 2.18 15.14 18.30
CA ASP B 235 0.81 14.67 18.52
C ASP B 235 0.27 14.18 17.17
N GLY B 236 -0.29 12.97 17.14
CA GLY B 236 -0.85 12.48 15.89
C GLY B 236 0.11 11.76 14.96
N VAL B 237 1.32 11.46 15.47
CA VAL B 237 2.34 10.75 14.67
C VAL B 237 1.81 9.40 14.25
N VAL B 238 2.29 8.89 13.11
CA VAL B 238 1.98 7.54 12.70
C VAL B 238 3.30 6.78 12.70
N ILE B 239 3.32 5.62 13.34
CA ILE B 239 4.59 4.85 13.45
C ILE B 239 4.52 3.60 12.59
N VAL B 240 5.56 3.35 11.79
CA VAL B 240 5.66 2.11 11.01
C VAL B 240 6.89 1.30 11.44
N ASN B 241 6.73 -0.01 11.62
CA ASN B 241 7.88 -0.89 11.93
C ASN B 241 7.84 -2.16 11.13
N THR B 242 8.81 -2.38 10.30
CA THR B 242 8.94 -3.63 9.61
C THR B 242 10.23 -4.34 9.99
N ALA B 243 10.85 -3.87 11.05
CA ALA B 243 12.22 -4.27 11.37
C ALA B 243 12.21 -5.38 12.41
N ARG B 244 12.30 -4.97 13.67
CA ARG B 244 12.17 -5.90 14.77
C ARG B 244 11.25 -5.25 15.79
N GLY B 245 10.31 -6.02 16.34
CA GLY B 245 9.30 -5.40 17.19
C GLY B 245 9.87 -4.93 18.52
N ALA B 246 10.95 -5.54 18.97
CA ALA B 246 11.47 -5.25 20.29
C ALA B 246 12.22 -3.95 20.30
N LEU B 247 12.36 -3.33 19.13
CA LEU B 247 12.88 -1.96 19.06
C LEU B 247 11.96 -0.96 19.72
N ILE B 248 10.67 -1.32 19.83
CA ILE B 248 9.68 -0.48 20.51
C ILE B 248 9.21 -1.17 21.80
N ASP B 249 9.12 -0.39 22.88
CA ASP B 249 8.45 -0.81 24.11
C ASP B 249 6.97 -0.92 23.75
N GLU B 250 6.53 -2.13 23.38
CA GLU B 250 5.16 -2.31 22.87
C GLU B 250 4.06 -1.88 23.85
N LYS B 251 4.30 -2.11 25.15
CA LYS B 251 3.35 -1.63 26.16
C LYS B 251 3.27 -0.11 26.17
N ALA B 252 4.42 0.56 26.11
CA ALA B 252 4.41 2.03 26.01
C ALA B 252 3.68 2.50 24.75
N LEU B 253 3.92 1.81 23.64
CA LEU B 253 3.32 2.12 22.36
C LEU B 253 1.79 2.06 22.51
N VAL B 254 1.32 1.02 23.18
CA VAL B 254 -0.12 0.86 23.45
C VAL B 254 -0.68 2.04 24.26
N ARG B 255 0.02 2.42 25.32
CA ARG B 255 -0.42 3.57 26.10
C ARG B 255 -0.44 4.85 25.28
N ALA B 256 0.48 4.97 24.31
CA ALA B 256 0.53 6.20 23.52
C ALA B 256 -0.59 6.26 22.47
N LEU B 257 -1.00 5.09 21.99
CA LEU B 257 -2.17 4.99 21.13
C LEU B 257 -3.42 5.39 21.91
N GLU B 258 -3.56 4.81 23.10
CA GLU B 258 -4.73 5.06 23.94
C GLU B 258 -4.90 6.53 24.32
N SER B 259 -3.79 7.23 24.54
CA SER B 259 -3.85 8.63 24.94
C SER B 259 -4.11 9.55 23.74
N GLY B 260 -4.02 8.99 22.54
CA GLY B 260 -4.14 9.78 21.33
C GLY B 260 -2.83 10.39 20.86
N LYS B 261 -1.75 10.19 21.62
CA LYS B 261 -0.44 10.66 21.20
C LYS B 261 -0.09 10.11 19.83
N VAL B 262 -0.26 8.80 19.69
CA VAL B 262 -0.02 8.13 18.43
C VAL B 262 -1.36 7.87 17.75
N ALA B 263 -1.49 8.37 16.53
CA ALA B 263 -2.75 8.27 15.80
C ALA B 263 -3.00 6.85 15.28
N SER B 264 -1.95 6.19 14.80
CA SER B 264 -2.09 4.86 14.24
C SER B 264 -0.70 4.28 14.07
N VAL B 265 -0.63 2.99 13.84
CA VAL B 265 0.64 2.32 13.60
C VAL B 265 0.42 1.38 12.44
N GLY B 266 1.50 1.11 11.71
CA GLY B 266 1.48 0.14 10.62
C GLY B 266 2.60 -0.83 11.00
N LEU B 267 2.27 -1.98 11.56
CA LEU B 267 3.32 -2.89 12.04
C LEU B 267 3.34 -4.24 11.32
N ASP B 268 4.53 -4.83 11.16
CA ASP B 268 4.67 -6.16 10.57
C ASP B 268 5.39 -6.99 11.60
N VAL B 269 5.89 -6.34 12.66
CA VAL B 269 6.73 -7.01 13.68
C VAL B 269 6.35 -6.62 15.11
N TYR B 270 6.60 -7.51 16.06
CA TYR B 270 6.10 -7.32 17.42
C TYR B 270 7.12 -7.73 18.44
N GLU B 271 7.04 -7.15 19.65
CA GLU B 271 8.06 -7.40 20.66
C GLU B 271 8.16 -8.88 21.07
N ASN B 272 7.03 -9.56 21.19
CA ASN B 272 7.06 -10.96 21.59
C ASN B 272 6.43 -11.89 20.55
N GLU B 273 6.73 -11.64 19.29
CA GLU B 273 6.05 -12.39 18.23
C GLU B 273 6.24 -13.89 18.41
N PRO B 274 5.19 -14.67 18.12
CA PRO B 274 3.92 -14.24 17.51
C PRO B 274 2.90 -13.64 18.47
N GLN B 275 3.26 -13.38 19.72
CA GLN B 275 2.31 -12.71 20.63
C GLN B 275 2.25 -11.25 20.26
N VAL B 276 1.06 -10.65 20.37
CA VAL B 276 0.89 -9.22 20.15
C VAL B 276 0.18 -8.68 21.38
N GLU B 277 0.57 -7.50 21.86
CA GLU B 277 -0.11 -6.93 23.02
C GLU B 277 -1.57 -6.81 22.67
N PRO B 278 -2.45 -7.26 23.59
CA PRO B 278 -3.89 -7.28 23.33
C PRO B 278 -4.43 -5.90 22.95
N GLY B 279 -4.03 -4.85 23.66
CA GLY B 279 -4.51 -3.51 23.32
C GLY B 279 -4.11 -3.05 21.93
N LEU B 280 -3.10 -3.68 21.39
CA LEU B 280 -2.69 -3.37 20.04
C LEU B 280 -3.53 -4.18 19.07
N LEU B 281 -3.67 -5.47 19.38
CA LEU B 281 -4.40 -6.42 18.53
C LEU B 281 -5.87 -6.04 18.36
N ASN B 282 -6.46 -5.48 19.42
CA ASN B 282 -7.87 -5.08 19.45
C ASN B 282 -8.15 -3.68 18.94
N ASN B 283 -7.12 -3.00 18.48
CA ASN B 283 -7.30 -1.59 18.14
C ASN B 283 -7.60 -1.47 16.65
N PRO B 284 -8.84 -1.08 16.29
CA PRO B 284 -9.20 -1.12 14.88
C PRO B 284 -8.52 0.00 14.10
N ARG B 285 -7.95 0.97 14.82
CA ARG B 285 -7.18 2.03 14.17
C ARG B 285 -5.73 1.62 13.80
N ALA B 286 -5.24 0.50 14.32
CA ALA B 286 -3.93 -0.03 13.93
C ALA B 286 -4.01 -0.81 12.61
N MET B 287 -2.93 -0.79 11.81
CA MET B 287 -2.84 -1.68 10.65
C MET B 287 -1.73 -2.71 10.94
N LEU B 288 -2.08 -4.00 10.97
CA LEU B 288 -1.20 -5.03 11.55
C LEU B 288 -1.09 -6.23 10.63
N LEU B 289 0.14 -6.69 10.40
CA LEU B 289 0.40 -7.87 9.60
C LEU B 289 1.31 -8.80 10.42
N PRO B 290 1.19 -10.12 10.19
CA PRO B 290 2.00 -11.10 10.94
C PRO B 290 3.36 -11.37 10.29
N HIS B 291 4.21 -10.35 10.26
CA HIS B 291 5.57 -10.49 9.71
C HIS B 291 5.64 -11.16 8.34
N ILE B 292 4.98 -10.54 7.36
CA ILE B 292 4.94 -11.07 6.03
C ILE B 292 5.88 -10.35 5.07
N GLY B 293 6.69 -9.44 5.59
CA GLY B 293 7.56 -8.62 4.73
C GLY B 293 8.22 -9.33 3.54
N THR B 294 8.98 -10.40 3.80
CA THR B 294 9.65 -11.12 2.71
C THR B 294 8.92 -12.38 2.22
N MET B 295 7.65 -12.55 2.61
CA MET B 295 6.95 -13.76 2.23
C MET B 295 6.42 -13.68 0.79
N THR B 296 7.31 -13.55 -0.18
CA THR B 296 6.92 -13.68 -1.58
C THR B 296 7.81 -14.71 -2.25
N TYR B 297 7.34 -15.23 -3.37
CA TYR B 297 8.06 -16.27 -4.07
C TYR B 297 9.43 -15.79 -4.52
N GLU B 298 9.46 -14.57 -5.08
CA GLU B 298 10.69 -14.11 -5.71
C GLU B 298 11.72 -13.75 -4.66
N THR B 299 11.27 -13.05 -3.63
CA THR B 299 12.20 -12.68 -2.57
C THR B 299 12.71 -13.88 -1.77
N GLN B 300 11.82 -14.79 -1.36
CA GLN B 300 12.28 -15.95 -0.62
C GLN B 300 13.27 -16.76 -1.43
N LYS B 301 13.02 -16.96 -2.73
CA LYS B 301 13.92 -17.78 -3.54
C LYS B 301 15.23 -17.04 -3.69
N GLU B 302 15.17 -15.72 -3.85
CA GLU B 302 16.42 -14.97 -4.00
C GLU B 302 17.28 -15.09 -2.74
N MET B 303 16.64 -15.09 -1.57
CA MET B 303 17.34 -15.19 -0.27
C MET B 303 18.01 -16.58 -0.16
N GLU B 304 17.27 -17.63 -0.47
CA GLU B 304 17.81 -18.98 -0.45
C GLU B 304 18.99 -19.15 -1.39
N LEU B 305 18.85 -18.65 -2.60
CA LEU B 305 19.94 -18.75 -3.54
C LEU B 305 21.20 -18.02 -3.07
N LEU B 306 21.01 -16.88 -2.39
CA LEU B 306 22.14 -16.15 -1.84
C LEU B 306 22.84 -16.93 -0.73
N VAL B 307 22.06 -17.58 0.15
CA VAL B 307 22.69 -18.42 1.19
C VAL B 307 23.48 -19.57 0.56
N LEU B 308 22.89 -20.23 -0.44
CA LEU B 308 23.55 -21.35 -1.10
C LEU B 308 24.78 -20.90 -1.89
N ASN B 309 24.74 -19.68 -2.45
CA ASN B 309 25.94 -19.19 -3.14
C ASN B 309 27.09 -18.89 -2.17
N ASN B 310 26.75 -18.37 -1.00
CA ASN B 310 27.73 -18.22 0.09
C ASN B 310 28.33 -19.56 0.48
N LEU B 311 27.45 -20.53 0.71
CA LEU B 311 27.89 -21.85 1.10
C LEU B 311 28.80 -22.50 0.06
N ARG B 312 28.51 -22.33 -1.22
CA ARG B 312 29.34 -22.93 -2.28
C ARG B 312 30.69 -22.23 -2.38
N SER B 313 30.69 -20.90 -2.28
CA SER B 313 31.93 -20.15 -2.22
C SER B 313 32.77 -20.56 -1.00
N ALA B 314 32.14 -20.66 0.16
CA ALA B 314 32.83 -21.12 1.35
C ALA B 314 33.56 -22.46 1.10
N ILE B 315 32.81 -23.41 0.59
CA ILE B 315 33.31 -24.75 0.27
C ILE B 315 34.42 -24.72 -0.78
N GLU B 316 34.23 -24.00 -1.87
CA GLU B 316 35.14 -24.11 -3.02
C GLU B 316 36.39 -23.24 -2.86
N LYS B 317 36.21 -22.10 -2.19
CA LYS B 317 37.20 -21.03 -2.20
C LYS B 317 37.61 -20.55 -0.80
N GLY B 318 36.88 -20.97 0.22
CA GLY B 318 37.21 -20.55 1.58
C GLY B 318 36.90 -19.10 1.84
N GLU B 319 35.90 -18.57 1.15
CA GLU B 319 35.46 -17.21 1.44
C GLU B 319 33.98 -17.05 1.23
N LEU B 320 33.40 -16.07 1.90
CA LEU B 320 31.97 -15.84 1.82
C LEU B 320 31.69 -14.70 0.86
N LEU B 321 30.43 -14.58 0.45
CA LEU B 321 30.03 -13.52 -0.46
C LEU B 321 29.53 -12.30 0.31
N THR B 322 28.74 -12.56 1.36
CA THR B 322 28.12 -11.52 2.14
C THR B 322 28.29 -11.80 3.64
N GLN B 323 29.55 -11.84 4.06
CA GLN B 323 29.90 -12.01 5.46
C GLN B 323 29.38 -10.82 6.25
N VAL B 324 28.84 -11.08 7.45
CA VAL B 324 28.23 -10.05 8.27
C VAL B 324 29.26 -8.96 8.57
N PRO B 325 28.81 -7.68 8.59
CA PRO B 325 29.73 -6.56 8.77
C PRO B 325 30.56 -6.66 10.04
N GLU B 326 30.04 -7.27 11.10
CA GLU B 326 30.82 -7.34 12.37
C GLU B 326 32.15 -8.04 12.20
N GLN B 327 32.23 -8.93 11.22
CA GLN B 327 33.40 -9.74 11.06
C GLN B 327 34.33 -9.21 9.99
N LYS B 328 33.91 -8.19 9.26
CA LYS B 328 34.81 -7.57 8.29
C LYS B 328 35.50 -6.35 8.87
S SO4 C . -14.62 10.75 -8.19
O1 SO4 C . -14.59 9.30 -8.24
O2 SO4 C . -13.37 11.34 -8.67
O3 SO4 C . -15.68 11.19 -9.14
O4 SO4 C . -14.84 11.21 -6.83
S SO4 D . 14.76 -10.63 8.05
O1 SO4 D . 15.29 -9.48 7.31
O2 SO4 D . 15.82 -11.06 8.99
O3 SO4 D . 13.65 -10.20 8.89
O4 SO4 D . 14.37 -11.65 7.08
#